data_8UNK
#
_entry.id   8UNK
#
_cell.length_a   1.00
_cell.length_b   1.00
_cell.length_c   1.00
_cell.angle_alpha   90.00
_cell.angle_beta   90.00
_cell.angle_gamma   90.00
#
_symmetry.space_group_name_H-M   'P 1'
#
loop_
_entity.id
_entity.type
_entity.pdbx_description
1 polymer 'Probable bifunctional tRNA threonylcarbamoyladenosine biosynthesis protein'
2 polymer 'Regulatory protein Cgi121'
3 polymer 'Probable bifunctional tRNA threonylcarbamoyladenosine biosynthesis protein'
4 polymer 'KEOPS complex Pcc1-like subunit'
#
loop_
_entity_poly.entity_id
_entity_poly.type
_entity_poly.pdbx_seq_one_letter_code
_entity_poly.pdbx_strand_id
1 'polypeptide(L)'
;KIPEHLIGKGAEADIKRDSYLDFDVIIKERVKKGYRDERLDENIRKSRTAREARYLALVKDFGIPAPYIFDVDLDNKRIM
MSYINGKLAKDVIEDNLDIAYKIGEIVGKLHKNDVIHNDLTTSNFIFDKDLYIIDFGLGKISNLDRDKAVDLIVFKKAVL
STHHEKFDEIWERFLEGYKSVYDRWEIILELMKDVERRARYVE
;
B
2 'polypeptide(L)'
;PMIIRGIRGARINNEIFNLGLKFQILNADVVATKKHVLHAINQAKTKKPIAKSFWMEILVRASGQRQIHEAIKIIGAKDG
NVCLICEDEETFRKIYELIGGEIDDSVLEINEDKERLIREIFKIRGFGNVVERVLEKIALIELKKE
;
C
3 'polypeptide(L)'
;MICLGLEGTAEKTGVGIVTSDGEVLFNKTIMYKPPKQGINPREAADHHAETFPKLIKEAFEVVDKNEIDLIAFSQGPGLG
PSLRVTATVARTLSLTLKKPIIGVNHCIAHIEIGKLTTEAEDPLTLYVSGGNTQVIAYVSKKYRVFGETLDIAVGNCLDQ
FARYVNLPHPGGPYIEELARKGKKLVDLPYTVKGMDIAFSGLLTAAMRAYDAGERLEDICYSLQEYAFSMLTEITERALA
HTNKGEVMLVGGVAANNRLREMLKAMCEGQNVDFYVPPKEFCGDNGAMIAWLGLLMHKNGRWMSLDETKIIPNYRTDMVE
VNWI
;
K
4 'polypeptide(L)'
;MKAKRVQAKIEIEFPSEDVAKVVYEAVLYEHLSVPYRRSEIDFKLEGKKIILDIKATDSSALRGTVNSYLRWIKAAIDVI
EV
;
P
#
# COMPACT_ATOMS: atom_id res chain seq x y z
N ASP A 24 27.56 -17.04 -8.03
CA ASP A 24 26.58 -17.04 -6.94
C ASP A 24 25.17 -16.79 -7.46
N VAL A 25 24.18 -17.10 -6.63
CA VAL A 25 22.78 -16.97 -7.03
C VAL A 25 21.93 -17.17 -5.78
N ILE A 26 20.75 -16.55 -5.77
CA ILE A 26 19.82 -16.64 -4.65
C ILE A 26 18.42 -16.95 -5.17
N ILE A 27 17.63 -17.59 -4.33
CA ILE A 27 16.30 -18.08 -4.68
C ILE A 27 15.27 -17.34 -3.82
N LYS A 28 14.23 -16.82 -4.46
CA LYS A 28 13.21 -16.01 -3.81
C LYS A 28 11.86 -16.69 -3.99
N GLU A 29 11.09 -16.78 -2.90
CA GLU A 29 9.83 -17.51 -2.88
C GLU A 29 8.73 -16.65 -2.27
N ARG A 30 7.52 -16.76 -2.83
CA ARG A 30 6.34 -16.07 -2.31
C ARG A 30 5.56 -17.06 -1.46
N VAL A 31 5.96 -17.16 -0.20
CA VAL A 31 5.34 -18.14 0.69
C VAL A 31 3.84 -17.91 0.78
N LYS A 32 3.11 -18.97 1.10
CA LYS A 32 1.66 -18.93 1.21
C LYS A 32 1.28 -18.50 2.63
N LYS A 33 1.09 -17.19 2.82
CA LYS A 33 0.71 -16.68 4.12
C LYS A 33 -0.60 -17.30 4.57
N GLY A 34 -0.58 -17.96 5.74
CA GLY A 34 -1.74 -18.71 6.17
C GLY A 34 -2.95 -17.84 6.44
N TYR A 35 -2.74 -16.61 6.92
CA TYR A 35 -3.86 -15.78 7.35
C TYR A 35 -4.83 -15.47 6.22
N ARG A 36 -4.40 -15.61 4.97
CA ARG A 36 -5.23 -15.23 3.83
C ARG A 36 -5.83 -16.46 3.16
N ASP A 37 -6.82 -16.21 2.30
CA ASP A 37 -7.49 -17.29 1.61
C ASP A 37 -6.51 -18.03 0.71
N GLU A 38 -6.53 -19.37 0.79
CA GLU A 38 -5.57 -20.16 0.02
C GLU A 38 -5.73 -19.94 -1.48
N ARG A 39 -6.98 -19.87 -1.96
CA ARG A 39 -7.21 -19.67 -3.39
C ARG A 39 -6.58 -18.36 -3.86
N LEU A 40 -7.06 -17.24 -3.31
CA LEU A 40 -6.51 -15.94 -3.71
C LEU A 40 -5.06 -15.81 -3.29
N ASP A 41 -4.64 -16.48 -2.20
CA ASP A 41 -3.24 -16.44 -1.82
C ASP A 41 -2.36 -16.99 -2.94
N GLU A 42 -2.68 -18.19 -3.42
CA GLU A 42 -1.92 -18.77 -4.52
C GLU A 42 -2.04 -17.92 -5.79
N ASN A 43 -3.24 -17.42 -6.07
CA ASN A 43 -3.42 -16.59 -7.26
C ASN A 43 -2.50 -15.37 -7.22
N ILE A 44 -2.47 -14.67 -6.09
CA ILE A 44 -1.68 -13.46 -5.98
C ILE A 44 -0.20 -13.80 -5.98
N ARG A 45 0.20 -14.89 -5.34
CA ARG A 45 1.61 -15.29 -5.38
C ARG A 45 2.05 -15.56 -6.82
N LYS A 46 1.23 -16.28 -7.58
CA LYS A 46 1.58 -16.57 -8.97
C LYS A 46 1.65 -15.29 -9.78
N SER A 47 0.66 -14.41 -9.63
CA SER A 47 0.65 -13.18 -10.41
C SER A 47 1.85 -12.30 -10.07
N ARG A 48 2.20 -12.22 -8.79
CA ARG A 48 3.32 -11.39 -8.40
C ARG A 48 4.64 -11.97 -8.86
N THR A 49 4.78 -13.29 -8.81
CA THR A 49 5.99 -13.91 -9.35
C THR A 49 6.13 -13.66 -10.84
N ALA A 50 5.03 -13.80 -11.59
CA ALA A 50 5.08 -13.57 -13.02
C ALA A 50 5.42 -12.12 -13.34
N ARG A 51 4.77 -11.18 -12.66
CA ARG A 51 5.04 -9.77 -12.90
C ARG A 51 6.48 -9.42 -12.53
N GLU A 52 6.96 -9.92 -11.39
CA GLU A 52 8.32 -9.64 -10.98
C GLU A 52 9.31 -10.16 -12.02
N ALA A 53 9.13 -11.39 -12.48
CA ALA A 53 10.03 -11.93 -13.49
C ALA A 53 10.00 -11.06 -14.74
N ARG A 54 8.80 -10.81 -15.26
CA ARG A 54 8.68 -10.09 -16.52
C ARG A 54 9.32 -8.71 -16.43
N TYR A 55 9.08 -7.98 -15.34
CA TYR A 55 9.57 -6.61 -15.29
C TYR A 55 11.02 -6.52 -14.85
N LEU A 56 11.50 -7.39 -13.96
CA LEU A 56 12.93 -7.45 -13.69
C LEU A 56 13.71 -7.82 -14.93
N ALA A 57 13.11 -8.54 -15.88
CA ALA A 57 13.79 -8.79 -17.14
C ALA A 57 13.70 -7.59 -18.07
N LEU A 58 12.49 -7.06 -18.26
CA LEU A 58 12.29 -5.94 -19.18
C LEU A 58 13.01 -4.68 -18.73
N VAL A 59 13.38 -4.59 -17.46
CA VAL A 59 14.02 -3.37 -16.96
C VAL A 59 15.38 -3.18 -17.60
N LYS A 60 16.11 -4.27 -17.87
CA LYS A 60 17.44 -4.17 -18.46
C LYS A 60 17.39 -3.68 -19.90
N ASP A 61 16.22 -3.67 -20.54
CA ASP A 61 16.13 -3.08 -21.87
C ASP A 61 16.40 -1.58 -21.85
N PHE A 62 16.37 -0.97 -20.66
CA PHE A 62 16.55 0.47 -20.51
C PHE A 62 17.85 0.82 -19.80
N GLY A 63 18.80 -0.12 -19.74
CA GLY A 63 20.09 0.15 -19.15
C GLY A 63 20.12 0.16 -17.64
N ILE A 64 19.05 -0.24 -16.98
CA ILE A 64 18.96 -0.21 -15.52
C ILE A 64 19.59 -1.51 -14.99
N PRO A 65 20.62 -1.43 -14.16
CA PRO A 65 21.16 -2.65 -13.56
C PRO A 65 20.10 -3.38 -12.75
N ALA A 66 20.14 -4.71 -12.81
CA ALA A 66 19.17 -5.54 -12.11
C ALA A 66 19.72 -6.95 -12.04
N PRO A 67 19.22 -7.77 -11.11
CA PRO A 67 19.64 -9.17 -11.08
C PRO A 67 19.11 -9.95 -12.28
N TYR A 68 19.91 -10.91 -12.73
CA TYR A 68 19.53 -11.77 -13.84
C TYR A 68 18.57 -12.86 -13.36
N ILE A 69 17.57 -13.15 -14.19
CA ILE A 69 16.59 -14.18 -13.88
C ILE A 69 17.09 -15.51 -14.46
N PHE A 70 17.86 -16.25 -13.66
CA PHE A 70 18.43 -17.49 -14.17
C PHE A 70 17.37 -18.55 -14.38
N ASP A 71 16.42 -18.70 -13.46
CA ASP A 71 15.36 -19.69 -13.65
C ASP A 71 14.09 -19.24 -12.94
N VAL A 72 12.96 -19.73 -13.44
CA VAL A 72 11.63 -19.34 -12.98
C VAL A 72 10.83 -20.60 -12.70
N ASP A 73 9.99 -20.56 -11.66
CA ASP A 73 9.09 -21.66 -11.33
C ASP A 73 7.79 -21.05 -10.83
N LEU A 74 6.77 -21.03 -11.70
CA LEU A 74 5.48 -20.46 -11.31
C LEU A 74 4.74 -21.37 -10.36
N ASP A 75 4.77 -22.69 -10.60
CA ASP A 75 4.05 -23.61 -9.74
C ASP A 75 4.55 -23.54 -8.30
N ASN A 76 5.86 -23.62 -8.12
CA ASN A 76 6.46 -23.50 -6.79
C ASN A 76 6.63 -22.06 -6.33
N LYS A 77 6.36 -21.09 -7.21
CA LYS A 77 6.53 -19.68 -6.87
C LYS A 77 7.96 -19.39 -6.44
N ARG A 78 8.93 -20.04 -7.10
CA ARG A 78 10.33 -19.90 -6.77
C ARG A 78 11.07 -19.34 -7.98
N ILE A 79 11.70 -18.18 -7.80
CA ILE A 79 12.47 -17.54 -8.85
C ILE A 79 13.92 -17.46 -8.40
N MET A 80 14.82 -18.03 -9.19
CA MET A 80 16.24 -18.06 -8.87
C MET A 80 16.97 -17.06 -9.75
N MET A 81 17.59 -16.06 -9.11
CA MET A 81 18.19 -14.94 -9.80
C MET A 81 19.58 -14.68 -9.24
N SER A 82 20.36 -13.91 -9.98
CA SER A 82 21.72 -13.59 -9.56
C SER A 82 21.70 -12.87 -8.22
N TYR A 83 22.68 -13.19 -7.38
CA TYR A 83 22.83 -12.57 -6.07
C TYR A 83 23.77 -11.39 -6.16
N ILE A 84 23.34 -10.23 -5.65
CA ILE A 84 24.11 -9.01 -5.70
C ILE A 84 24.63 -8.71 -4.30
N ASN A 85 25.94 -8.52 -4.18
CA ASN A 85 26.57 -8.25 -2.89
C ASN A 85 26.74 -6.75 -2.73
N GLY A 86 25.68 -6.07 -2.31
CA GLY A 86 25.74 -4.64 -2.09
C GLY A 86 24.75 -4.18 -1.05
N LYS A 87 25.10 -3.12 -0.32
CA LYS A 87 24.20 -2.60 0.71
C LYS A 87 22.92 -2.08 0.06
N LEU A 88 21.80 -2.29 0.75
CA LEU A 88 20.52 -1.79 0.27
C LEU A 88 20.52 -0.27 0.26
N ALA A 89 19.73 0.30 -0.65
CA ALA A 89 19.69 1.76 -0.76
C ALA A 89 19.30 2.40 0.56
N LYS A 90 18.27 1.86 1.21
CA LYS A 90 17.84 2.42 2.49
C LYS A 90 18.94 2.39 3.53
N ASP A 91 19.94 1.52 3.37
CA ASP A 91 21.00 1.42 4.35
C ASP A 91 22.02 2.55 4.24
N VAL A 92 22.27 3.06 3.02
CA VAL A 92 23.36 4.01 2.82
C VAL A 92 22.91 5.23 2.03
N ILE A 93 21.62 5.28 1.66
CA ILE A 93 21.14 6.43 0.89
C ILE A 93 21.37 7.72 1.65
N GLU A 94 21.04 7.74 2.94
CA GLU A 94 21.25 8.94 3.74
C GLU A 94 22.74 9.23 3.88
N ASP A 95 23.54 8.21 4.16
CA ASP A 95 24.98 8.42 4.35
C ASP A 95 25.63 8.94 3.07
N ASN A 96 25.24 8.40 1.92
CA ASN A 96 25.75 8.81 0.63
C ASN A 96 24.55 9.28 -0.20
N LEU A 97 24.34 10.60 -0.23
CA LEU A 97 23.16 11.14 -0.88
C LEU A 97 23.16 10.91 -2.39
N ASP A 98 24.32 10.58 -2.97
CA ASP A 98 24.37 10.37 -4.41
C ASP A 98 23.47 9.21 -4.82
N ILE A 99 23.29 8.24 -3.93
CA ILE A 99 22.37 7.14 -4.22
C ILE A 99 20.98 7.67 -4.47
N ALA A 100 20.62 8.80 -3.86
CA ALA A 100 19.33 9.42 -4.18
C ALA A 100 19.28 9.82 -5.64
N TYR A 101 20.37 10.42 -6.14
CA TYR A 101 20.43 10.78 -7.55
C TYR A 101 20.35 9.54 -8.44
N LYS A 102 21.03 8.47 -8.05
CA LYS A 102 21.00 7.24 -8.84
C LYS A 102 19.60 6.64 -8.87
N ILE A 103 18.91 6.66 -7.73
CA ILE A 103 17.52 6.19 -7.69
C ILE A 103 16.66 7.06 -8.59
N GLY A 104 16.85 8.37 -8.54
CA GLY A 104 16.12 9.24 -9.44
C GLY A 104 16.35 8.88 -10.89
N GLU A 105 17.61 8.59 -11.24
CA GLU A 105 17.93 8.22 -12.62
C GLU A 105 17.21 6.93 -13.01
N ILE A 106 17.32 5.89 -12.18
CA ILE A 106 16.75 4.59 -12.54
C ILE A 106 15.26 4.49 -12.23
N VAL A 107 14.64 5.57 -11.77
CA VAL A 107 13.18 5.67 -11.75
C VAL A 107 12.66 6.51 -12.91
N GLY A 108 13.38 7.59 -13.25
CA GLY A 108 13.03 8.33 -14.44
C GLY A 108 13.18 7.51 -15.70
N LYS A 109 14.16 6.60 -15.72
CA LYS A 109 14.24 5.65 -16.83
C LYS A 109 12.96 4.83 -16.91
N LEU A 110 12.49 4.32 -15.78
CA LEU A 110 11.23 3.56 -15.76
C LEU A 110 10.09 4.40 -16.30
N HIS A 111 9.92 5.60 -15.75
CA HIS A 111 8.76 6.42 -16.11
C HIS A 111 8.80 6.83 -17.58
N LYS A 112 9.99 7.14 -18.10
CA LYS A 112 10.12 7.42 -19.53
C LYS A 112 9.72 6.22 -20.35
N ASN A 113 10.11 5.02 -19.91
CA ASN A 113 9.75 3.78 -20.59
C ASN A 113 8.38 3.28 -20.20
N ASP A 114 7.65 4.00 -19.34
CA ASP A 114 6.28 3.70 -18.93
C ASP A 114 6.16 2.47 -18.04
N VAL A 115 7.28 1.87 -17.63
CA VAL A 115 7.20 0.75 -16.68
C VAL A 115 6.92 1.35 -15.30
N ILE A 116 5.66 1.29 -14.89
CA ILE A 116 5.18 1.96 -13.68
C ILE A 116 5.44 1.05 -12.49
N HIS A 117 6.53 1.29 -11.77
CA HIS A 117 6.75 0.62 -10.50
C HIS A 117 5.78 1.18 -9.48
N ASN A 118 4.91 0.33 -8.96
CA ASN A 118 3.84 0.75 -8.06
C ASN A 118 4.22 0.68 -6.59
N ASP A 119 5.39 0.14 -6.26
CA ASP A 119 5.79 -0.07 -4.88
C ASP A 119 7.25 0.35 -4.69
N LEU A 120 7.60 1.53 -5.18
CA LEU A 120 8.97 2.00 -5.00
C LEU A 120 9.24 2.31 -3.55
N THR A 121 10.37 1.83 -3.05
CA THR A 121 10.88 2.20 -1.75
C THR A 121 12.40 2.28 -1.86
N THR A 122 13.03 2.67 -0.77
CA THR A 122 14.49 2.66 -0.73
C THR A 122 15.04 1.30 -0.36
N SER A 123 14.20 0.26 -0.32
CA SER A 123 14.63 -1.11 -0.10
C SER A 123 14.55 -1.96 -1.36
N ASN A 124 14.03 -1.42 -2.46
CA ASN A 124 13.97 -2.12 -3.74
C ASN A 124 15.22 -1.88 -4.57
N PHE A 125 16.33 -1.49 -3.96
CA PHE A 125 17.54 -1.16 -4.71
C PHE A 125 18.76 -1.58 -3.90
N ILE A 126 19.78 -2.07 -4.60
CA ILE A 126 21.04 -2.47 -4.00
C ILE A 126 22.16 -1.65 -4.61
N PHE A 127 23.15 -1.31 -3.80
CA PHE A 127 24.32 -0.55 -4.25
C PHE A 127 25.58 -1.27 -3.79
N ASP A 128 26.27 -1.90 -4.74
CA ASP A 128 27.61 -2.43 -4.51
C ASP A 128 28.64 -1.68 -5.33
N LYS A 129 28.49 -1.66 -6.64
CA LYS A 129 29.22 -0.79 -7.54
C LYS A 129 28.30 0.04 -8.41
N ASP A 130 27.17 -0.53 -8.82
CA ASP A 130 26.11 0.20 -9.50
C ASP A 130 24.79 -0.09 -8.78
N LEU A 131 23.85 0.84 -8.90
CA LEU A 131 22.56 0.71 -8.22
C LEU A 131 21.64 -0.16 -9.04
N TYR A 132 21.42 -1.39 -8.58
CA TYR A 132 20.46 -2.30 -9.18
C TYR A 132 19.08 -2.10 -8.58
N ILE A 133 18.06 -2.54 -9.30
CA ILE A 133 16.69 -2.57 -8.80
C ILE A 133 16.34 -4.04 -8.55
N ILE A 134 16.13 -4.39 -7.29
CA ILE A 134 16.03 -5.79 -6.88
C ILE A 134 14.60 -6.30 -7.08
N ASP A 135 13.64 -5.66 -6.45
CA ASP A 135 12.27 -6.15 -6.45
C ASP A 135 11.43 -5.37 -7.46
N PHE A 136 10.50 -6.08 -8.09
CA PHE A 136 9.54 -5.43 -8.98
C PHE A 136 8.17 -6.08 -8.91
N GLY A 137 7.80 -6.59 -7.73
CA GLY A 137 6.61 -7.43 -7.64
C GLY A 137 5.35 -6.77 -8.15
N LEU A 138 5.16 -5.50 -7.80
CA LEU A 138 3.91 -4.80 -8.09
C LEU A 138 4.00 -3.93 -9.34
N GLY A 139 5.10 -4.02 -10.09
CA GLY A 139 5.27 -3.22 -11.28
C GLY A 139 4.11 -3.32 -12.24
N LYS A 140 4.04 -2.41 -13.22
CA LYS A 140 2.99 -2.42 -14.21
C LYS A 140 3.34 -1.46 -15.33
N ILE A 141 2.98 -1.82 -16.55
CA ILE A 141 3.21 -1.00 -17.73
C ILE A 141 1.99 -0.12 -17.92
N SER A 142 2.19 1.20 -17.88
CA SER A 142 1.10 2.14 -18.09
C SER A 142 1.66 3.47 -18.54
N ASN A 143 0.99 4.10 -19.49
CA ASN A 143 1.35 5.42 -19.99
C ASN A 143 0.63 6.54 -19.25
N LEU A 144 0.19 6.29 -18.03
CA LEU A 144 -0.57 7.27 -17.26
C LEU A 144 0.40 8.07 -16.38
N ASP A 145 0.54 9.36 -16.68
CA ASP A 145 1.37 10.23 -15.84
C ASP A 145 0.81 10.32 -14.44
N ARG A 146 -0.51 10.19 -14.28
CA ARG A 146 -1.12 10.20 -12.95
C ARG A 146 -0.60 9.03 -12.13
N ASP A 147 -0.48 7.84 -12.73
CA ASP A 147 0.08 6.70 -12.02
C ASP A 147 1.52 6.97 -11.62
N LYS A 148 2.31 7.56 -12.52
CA LYS A 148 3.69 7.88 -12.19
C LYS A 148 3.77 8.84 -11.01
N ALA A 149 2.89 9.85 -10.99
CA ALA A 149 2.84 10.77 -9.86
C ALA A 149 2.46 10.05 -8.58
N VAL A 150 1.51 9.12 -8.67
CA VAL A 150 1.10 8.36 -7.49
C VAL A 150 2.27 7.57 -6.94
N ASP A 151 3.05 6.93 -7.82
CA ASP A 151 4.17 6.13 -7.36
C ASP A 151 5.29 7.02 -6.83
N LEU A 152 5.46 8.21 -7.41
CA LEU A 152 6.39 9.17 -6.84
C LEU A 152 5.98 9.54 -5.41
N ILE A 153 4.68 9.75 -5.19
CA ILE A 153 4.20 10.02 -3.85
C ILE A 153 4.45 8.84 -2.94
N VAL A 154 4.31 7.63 -3.48
CA VAL A 154 4.55 6.42 -2.69
C VAL A 154 6.00 6.40 -2.20
N PHE A 155 6.94 6.65 -3.12
CA PHE A 155 8.34 6.67 -2.73
C PHE A 155 8.61 7.80 -1.75
N LYS A 156 7.96 8.96 -1.96
CA LYS A 156 8.15 10.09 -1.05
C LYS A 156 7.71 9.73 0.36
N LYS A 157 6.54 9.09 0.47
CA LYS A 157 6.05 8.67 1.78
C LYS A 157 6.99 7.64 2.41
N ALA A 158 7.47 6.69 1.60
CA ALA A 158 8.37 5.67 2.15
C ALA A 158 9.65 6.29 2.68
N VAL A 159 10.26 7.19 1.91
CA VAL A 159 11.52 7.81 2.32
C VAL A 159 11.29 8.72 3.52
N LEU A 160 10.16 9.44 3.53
CA LEU A 160 9.84 10.27 4.67
C LEU A 160 9.70 9.43 5.94
N SER A 161 8.99 8.31 5.86
CA SER A 161 8.80 7.46 7.03
C SER A 161 10.12 6.86 7.50
N THR A 162 10.95 6.39 6.57
CA THR A 162 12.18 5.71 6.98
C THR A 162 13.24 6.70 7.48
N HIS A 163 13.44 7.81 6.78
CA HIS A 163 14.52 8.75 7.06
C HIS A 163 14.02 10.18 7.00
N HIS A 164 12.91 10.47 7.70
CA HIS A 164 12.38 11.82 7.71
C HIS A 164 13.45 12.87 7.96
N GLU A 165 14.50 12.52 8.71
CA GLU A 165 15.54 13.48 9.02
C GLU A 165 16.21 14.02 7.76
N LYS A 166 16.16 13.29 6.67
CA LYS A 166 16.82 13.68 5.42
C LYS A 166 15.85 13.68 4.24
N PHE A 167 14.55 13.83 4.49
CA PHE A 167 13.58 13.78 3.39
C PHE A 167 13.84 14.88 2.37
N ASP A 168 14.14 16.09 2.84
CA ASP A 168 14.31 17.21 1.91
C ASP A 168 15.48 16.98 0.96
N GLU A 169 16.66 16.68 1.51
CA GLU A 169 17.84 16.53 0.67
C GLU A 169 17.74 15.31 -0.23
N ILE A 170 17.29 14.18 0.33
CA ILE A 170 17.15 12.97 -0.48
C ILE A 170 16.16 13.20 -1.60
N TRP A 171 15.03 13.83 -1.29
CA TRP A 171 14.03 14.12 -2.32
C TRP A 171 14.58 15.05 -3.38
N GLU A 172 15.34 16.06 -2.98
CA GLU A 172 15.89 17.00 -3.95
C GLU A 172 16.87 16.29 -4.89
N ARG A 173 17.75 15.46 -4.34
CA ARG A 173 18.70 14.75 -5.20
C ARG A 173 18.00 13.74 -6.10
N PHE A 174 16.99 13.04 -5.56
CA PHE A 174 16.22 12.12 -6.38
C PHE A 174 15.53 12.85 -7.52
N LEU A 175 14.97 14.03 -7.26
CA LEU A 175 14.34 14.79 -8.32
C LEU A 175 15.37 15.34 -9.30
N GLU A 176 16.59 15.62 -8.83
CA GLU A 176 17.64 16.03 -9.74
C GLU A 176 17.98 14.91 -10.71
N GLY A 177 18.10 13.68 -10.20
CA GLY A 177 18.29 12.55 -11.10
C GLY A 177 17.12 12.36 -12.05
N TYR A 178 15.90 12.50 -11.52
CA TYR A 178 14.71 12.42 -12.34
C TYR A 178 14.77 13.40 -13.50
N LYS A 179 15.15 14.65 -13.21
CA LYS A 179 15.32 15.64 -14.26
C LYS A 179 16.41 15.23 -15.24
N SER A 180 17.52 14.69 -14.72
CA SER A 180 18.64 14.32 -15.58
C SER A 180 18.22 13.29 -16.61
N VAL A 181 17.48 12.27 -16.20
CA VAL A 181 17.13 11.16 -17.07
C VAL A 181 15.78 11.38 -17.74
N TYR A 182 14.80 11.92 -17.02
CA TYR A 182 13.45 12.10 -17.53
C TYR A 182 13.19 13.57 -17.83
N ASP A 183 12.52 13.81 -18.95
CA ASP A 183 12.26 15.18 -19.42
C ASP A 183 10.87 15.68 -19.01
N ARG A 184 9.85 14.83 -19.12
CA ARG A 184 8.48 15.23 -18.80
C ARG A 184 8.21 15.33 -17.30
N TRP A 185 9.25 15.10 -16.48
CA TRP A 185 9.09 15.10 -15.04
C TRP A 185 8.14 16.18 -14.54
N GLU A 186 8.38 17.43 -14.95
CA GLU A 186 7.64 18.55 -14.40
C GLU A 186 6.14 18.29 -14.49
N ILE A 187 5.67 17.88 -15.66
CA ILE A 187 4.25 17.58 -15.82
C ILE A 187 3.77 16.68 -14.69
N ILE A 188 4.35 15.48 -14.59
CA ILE A 188 3.89 14.55 -13.57
C ILE A 188 4.13 15.14 -12.18
N LEU A 189 5.24 15.87 -12.00
CA LEU A 189 5.48 16.49 -10.71
C LEU A 189 4.36 17.45 -10.35
N GLU A 190 3.92 18.26 -11.31
CA GLU A 190 2.74 19.08 -11.06
C GLU A 190 1.58 18.19 -10.64
N LEU A 191 1.32 17.13 -11.41
CA LEU A 191 0.30 16.16 -11.02
C LEU A 191 0.53 15.67 -9.60
N MET A 192 1.79 15.39 -9.24
CA MET A 192 2.07 14.93 -7.89
C MET A 192 1.49 15.89 -6.87
N LYS A 193 1.74 17.19 -7.04
CA LYS A 193 1.21 18.17 -6.12
C LYS A 193 -0.30 18.01 -5.96
N ASP A 194 -1.00 17.87 -7.09
CA ASP A 194 -2.45 17.72 -7.03
C ASP A 194 -2.82 16.50 -6.20
N VAL A 195 -2.13 15.38 -6.41
CA VAL A 195 -2.42 14.18 -5.64
C VAL A 195 -2.10 14.42 -4.17
N GLU A 196 -1.05 15.21 -3.89
CA GLU A 196 -0.75 15.56 -2.50
C GLU A 196 -1.84 16.40 -1.87
N ARG A 197 -2.68 17.05 -2.68
CA ARG A 197 -3.77 17.87 -2.19
C ARG A 197 -5.06 17.09 -2.01
N ARG A 198 -4.97 15.77 -1.82
CA ARG A 198 -6.14 14.93 -1.60
C ARG A 198 -6.29 14.74 -0.09
N ALA A 199 -6.93 15.73 0.54
CA ALA A 199 -7.16 15.73 1.97
C ALA A 199 -8.56 16.28 2.24
N ARG A 200 -8.85 16.60 3.50
CA ARG A 200 -10.13 17.14 3.89
C ARG A 200 -10.04 18.66 3.93
N TYR A 201 -11.04 19.32 3.34
CA TYR A 201 -11.07 20.78 3.26
C TYR A 201 -10.79 21.42 4.61
N PRO B 1 25.38 -37.55 -18.25
CA PRO B 1 25.66 -36.23 -18.82
C PRO B 1 25.48 -36.19 -20.33
N MET B 2 24.57 -35.33 -20.81
CA MET B 2 24.33 -35.21 -22.24
C MET B 2 25.57 -34.67 -22.94
N ILE B 3 25.76 -35.13 -24.17
CA ILE B 3 26.95 -34.80 -24.96
C ILE B 3 26.58 -33.64 -25.88
N ILE B 4 27.37 -32.57 -25.80
CA ILE B 4 27.24 -31.40 -26.67
C ILE B 4 28.58 -31.18 -27.36
N ARG B 5 28.55 -31.05 -28.68
CA ARG B 5 29.77 -30.87 -29.46
C ARG B 5 29.58 -29.75 -30.46
N GLY B 6 30.67 -29.05 -30.76
CA GLY B 6 30.66 -28.03 -31.79
C GLY B 6 31.60 -28.40 -32.93
N ILE B 7 31.04 -28.62 -34.11
CA ILE B 7 31.80 -29.13 -35.25
C ILE B 7 31.88 -28.04 -36.31
N ARG B 8 33.06 -27.84 -36.88
CA ARG B 8 33.29 -26.85 -37.91
C ARG B 8 33.33 -27.51 -39.28
N GLY B 9 32.66 -26.89 -40.25
CA GLY B 9 32.65 -27.43 -41.60
C GLY B 9 32.00 -28.78 -41.71
N ALA B 10 30.89 -29.00 -41.00
CA ALA B 10 30.18 -30.25 -41.07
C ALA B 10 29.33 -30.33 -42.34
N ARG B 11 29.37 -31.47 -43.00
CA ARG B 11 28.61 -31.68 -44.23
C ARG B 11 27.19 -32.10 -43.85
N ILE B 12 26.27 -31.13 -43.87
CA ILE B 12 24.89 -31.41 -43.52
C ILE B 12 24.27 -32.29 -44.60
N ASN B 13 23.54 -33.32 -44.18
CA ASN B 13 22.85 -34.23 -45.08
C ASN B 13 21.47 -34.54 -44.52
N ASN B 14 20.47 -34.55 -45.41
CA ASN B 14 19.09 -34.67 -44.96
C ASN B 14 18.81 -36.04 -44.35
N GLU B 15 19.29 -37.10 -45.00
CA GLU B 15 18.91 -38.45 -44.59
C GLU B 15 19.32 -38.78 -43.15
N ILE B 16 20.10 -37.90 -42.49
CA ILE B 16 20.37 -38.09 -41.07
C ILE B 16 19.06 -38.19 -40.30
N PHE B 17 18.10 -37.32 -40.62
CA PHE B 17 16.81 -37.37 -39.96
C PHE B 17 16.15 -38.73 -40.16
N ASN B 18 16.39 -39.38 -41.30
CA ASN B 18 15.86 -40.71 -41.52
C ASN B 18 16.42 -41.71 -40.51
N LEU B 19 17.72 -41.60 -40.22
CA LEU B 19 18.34 -42.53 -39.28
C LEU B 19 17.70 -42.42 -37.90
N GLY B 20 17.47 -41.20 -37.44
CA GLY B 20 16.87 -40.97 -36.14
C GLY B 20 17.67 -41.57 -35.00
N LYS B 22 16.65 -38.71 -31.41
CA LYS B 22 17.72 -39.06 -30.48
C LYS B 22 18.88 -38.08 -30.59
N PHE B 23 18.69 -37.00 -31.36
CA PHE B 23 19.74 -36.00 -31.55
C PHE B 23 19.09 -34.68 -31.93
N GLN B 24 19.86 -33.61 -31.80
CA GLN B 24 19.40 -32.30 -32.23
C GLN B 24 20.59 -31.52 -32.78
N ILE B 25 20.34 -30.74 -33.83
CA ILE B 25 21.37 -29.96 -34.51
C ILE B 25 20.98 -28.50 -34.44
N LEU B 26 21.94 -27.64 -34.09
CA LEU B 26 21.72 -26.21 -33.94
C LEU B 26 22.81 -25.45 -34.69
N ASN B 27 22.57 -24.16 -34.90
CA ASN B 27 23.55 -23.30 -35.54
C ASN B 27 24.54 -22.85 -34.47
N ALA B 28 25.78 -23.33 -34.58
CA ALA B 28 26.77 -23.06 -33.55
C ALA B 28 27.06 -21.56 -33.41
N ASP B 29 26.89 -20.80 -34.50
CA ASP B 29 27.16 -19.37 -34.44
C ASP B 29 26.09 -18.64 -33.65
N VAL B 30 24.81 -18.96 -33.90
CA VAL B 30 23.73 -18.25 -33.24
C VAL B 30 23.67 -18.62 -31.76
N VAL B 31 23.81 -19.91 -31.44
CA VAL B 31 23.80 -20.33 -30.04
C VAL B 31 24.99 -19.71 -29.33
N ALA B 32 24.74 -19.15 -28.16
CA ALA B 32 25.76 -18.38 -27.45
C ALA B 32 26.98 -19.23 -27.09
N THR B 33 26.80 -20.17 -26.18
CA THR B 33 27.92 -20.95 -25.64
C THR B 33 27.34 -22.17 -24.95
N LYS B 34 28.20 -22.93 -24.26
CA LYS B 34 27.73 -24.11 -23.54
C LYS B 34 26.68 -23.77 -22.48
N LYS B 35 26.65 -22.51 -22.03
CA LYS B 35 25.62 -22.12 -21.08
C LYS B 35 24.24 -22.11 -21.73
N HIS B 36 24.18 -21.71 -23.01
CA HIS B 36 22.91 -21.76 -23.73
C HIS B 36 22.38 -23.19 -23.79
N VAL B 37 23.26 -24.14 -24.12
CA VAL B 37 22.84 -25.54 -24.21
C VAL B 37 22.45 -26.08 -22.84
N LEU B 38 23.22 -25.74 -21.80
CA LEU B 38 22.89 -26.23 -20.46
C LEU B 38 21.55 -25.67 -19.98
N HIS B 39 21.30 -24.39 -20.23
CA HIS B 39 20.00 -23.83 -19.87
C HIS B 39 18.89 -24.50 -20.66
N ALA B 40 19.11 -24.75 -21.95
CA ALA B 40 18.10 -25.42 -22.75
C ALA B 40 17.78 -26.81 -22.20
N ILE B 41 18.81 -27.58 -21.85
CA ILE B 41 18.59 -28.93 -21.35
C ILE B 41 17.88 -28.88 -20.00
N ASN B 42 18.29 -27.97 -19.11
CA ASN B 42 17.63 -27.86 -17.81
C ASN B 42 16.16 -27.50 -17.98
N GLN B 43 15.86 -26.53 -18.84
CA GLN B 43 14.47 -26.13 -19.03
C GLN B 43 13.66 -27.27 -19.66
N ALA B 44 14.26 -27.99 -20.61
CA ALA B 44 13.54 -29.09 -21.24
C ALA B 44 13.25 -30.20 -20.23
N LYS B 45 14.21 -30.50 -19.36
CA LYS B 45 14.03 -31.59 -18.40
C LYS B 45 13.03 -31.20 -17.32
N THR B 46 13.27 -30.09 -16.62
CA THR B 46 12.45 -29.76 -15.45
C THR B 46 11.14 -29.10 -15.86
N LYS B 47 11.21 -27.92 -16.48
CA LYS B 47 10.01 -27.19 -16.80
C LYS B 47 9.14 -27.98 -17.78
N LYS B 48 7.92 -27.50 -17.97
CA LYS B 48 6.98 -28.16 -18.86
C LYS B 48 7.49 -28.06 -20.30
N PRO B 49 7.70 -29.18 -20.99
CA PRO B 49 8.15 -29.10 -22.39
C PRO B 49 7.10 -28.40 -23.25
N ILE B 50 7.59 -27.64 -24.23
CA ILE B 50 6.71 -26.94 -25.17
C ILE B 50 6.47 -27.73 -26.45
N ALA B 51 7.24 -28.80 -26.69
CA ALA B 51 7.15 -29.55 -27.92
C ALA B 51 6.94 -31.03 -27.63
N LYS B 52 6.39 -31.74 -28.61
CA LYS B 52 6.11 -33.16 -28.45
C LYS B 52 7.36 -33.98 -28.18
N SER B 53 8.44 -33.72 -28.91
CA SER B 53 9.69 -34.45 -28.76
C SER B 53 10.64 -33.63 -27.90
N PHE B 54 11.15 -34.26 -26.83
CA PHE B 54 12.09 -33.56 -25.95
C PHE B 54 13.34 -33.13 -26.70
N TRP B 55 13.78 -33.93 -27.67
CA TRP B 55 15.04 -33.64 -28.34
C TRP B 55 14.97 -32.33 -29.12
N MET B 56 13.93 -32.15 -29.93
CA MET B 56 13.73 -30.86 -30.58
C MET B 56 13.04 -29.87 -29.66
N GLU B 57 12.49 -30.33 -28.54
CA GLU B 57 12.13 -29.40 -27.48
C GLU B 57 13.36 -28.65 -26.97
N ILE B 58 14.53 -29.27 -27.03
CA ILE B 58 15.77 -28.57 -26.70
C ILE B 58 15.98 -27.41 -27.67
N LEU B 59 15.77 -27.66 -28.96
CA LEU B 59 15.90 -26.60 -29.95
C LEU B 59 14.89 -25.48 -29.70
N VAL B 60 13.64 -25.85 -29.40
CA VAL B 60 12.62 -24.83 -29.14
C VAL B 60 13.00 -24.01 -27.91
N ARG B 61 13.53 -24.66 -26.88
CA ARG B 61 13.99 -23.94 -25.70
C ARG B 61 15.12 -22.98 -26.04
N ALA B 62 16.06 -23.43 -26.86
CA ALA B 62 17.18 -22.56 -27.23
C ALA B 62 16.69 -21.38 -28.07
N SER B 63 15.65 -21.57 -28.88
CA SER B 63 15.16 -20.49 -29.73
C SER B 63 14.65 -19.32 -28.90
N GLY B 64 13.90 -19.60 -27.84
CA GLY B 64 13.42 -18.56 -26.96
C GLY B 64 12.07 -17.97 -27.31
N GLN B 65 11.29 -18.63 -28.16
CA GLN B 65 9.93 -18.16 -28.46
C GLN B 65 9.03 -19.36 -28.65
N ARG B 66 7.73 -19.12 -28.54
CA ARG B 66 6.76 -20.22 -28.52
C ARG B 66 6.75 -20.98 -29.84
N GLN B 67 6.81 -20.28 -30.97
CA GLN B 67 6.66 -20.94 -32.25
C GLN B 67 7.83 -21.88 -32.53
N ILE B 68 7.57 -22.91 -33.33
CA ILE B 68 8.53 -23.99 -33.56
C ILE B 68 9.26 -23.77 -34.88
N HIS B 69 8.51 -23.72 -35.98
CA HIS B 69 9.15 -23.56 -37.28
C HIS B 69 10.08 -22.36 -37.29
N GLU B 70 9.70 -21.30 -36.58
CA GLU B 70 10.57 -20.14 -36.45
C GLU B 70 11.79 -20.48 -35.59
N ALA B 71 11.60 -21.27 -34.54
CA ALA B 71 12.76 -21.78 -33.82
C ALA B 71 13.68 -22.55 -34.75
N ILE B 72 13.09 -23.31 -35.67
CA ILE B 72 13.89 -24.07 -36.63
C ILE B 72 14.71 -23.13 -37.51
N LYS B 73 14.07 -22.07 -38.04
CA LYS B 73 14.80 -21.23 -38.97
C LYS B 73 15.79 -20.31 -38.27
N ILE B 74 15.58 -20.00 -36.99
CA ILE B 74 16.54 -19.17 -36.25
C ILE B 74 17.72 -19.99 -35.77
N ILE B 75 17.47 -21.16 -35.18
CA ILE B 75 18.53 -21.96 -34.56
C ILE B 75 18.76 -23.28 -35.29
N GLY B 76 17.93 -23.65 -36.24
CA GLY B 76 18.17 -24.88 -36.98
C GLY B 76 19.53 -24.84 -37.68
N ALA B 77 20.18 -25.99 -37.74
CA ALA B 77 21.52 -26.06 -38.29
C ALA B 77 21.53 -25.75 -39.77
N LYS B 78 22.71 -25.40 -40.28
CA LYS B 78 22.93 -25.12 -41.69
C LYS B 78 24.26 -25.74 -42.10
N ASP B 79 24.60 -25.59 -43.38
CA ASP B 79 25.82 -26.17 -43.90
C ASP B 79 27.04 -25.58 -43.19
N GLY B 80 28.05 -26.42 -42.98
CA GLY B 80 29.27 -26.00 -42.34
C GLY B 80 29.28 -26.23 -40.85
N ASN B 81 29.42 -25.16 -40.08
CA ASN B 81 29.46 -25.28 -38.63
C ASN B 81 28.10 -25.73 -38.08
N VAL B 82 28.14 -26.53 -37.02
CA VAL B 82 26.94 -27.07 -36.39
C VAL B 82 27.23 -27.34 -34.91
N CYS B 83 26.17 -27.44 -34.13
CA CYS B 83 26.23 -27.83 -32.73
C CYS B 83 25.33 -29.04 -32.53
N LEU B 84 25.93 -30.16 -32.12
CA LEU B 84 25.22 -31.42 -31.99
C LEU B 84 24.98 -31.72 -30.53
N ILE B 85 23.72 -32.00 -30.18
CA ILE B 85 23.32 -32.39 -28.84
C ILE B 85 22.76 -33.81 -28.94
N CYS B 86 23.34 -34.74 -28.19
CA CYS B 86 22.94 -36.14 -28.28
C CYS B 86 23.28 -36.85 -26.98
N GLU B 87 22.89 -38.12 -26.92
CA GLU B 87 23.09 -38.94 -25.73
C GLU B 87 24.04 -40.10 -26.04
N GLU B 89 27.23 -41.60 -27.12
CA GLU B 89 28.62 -41.82 -27.50
C GLU B 89 28.71 -42.47 -28.88
N GLU B 90 28.20 -43.69 -28.99
CA GLU B 90 28.20 -44.37 -30.29
C GLU B 90 27.37 -43.60 -31.31
N THR B 91 26.20 -43.11 -30.90
CA THR B 91 25.40 -42.28 -31.80
C THR B 91 26.14 -41.02 -32.18
N PHE B 92 26.86 -40.41 -31.23
CA PHE B 92 27.67 -39.24 -31.54
C PHE B 92 28.73 -39.56 -32.57
N ARG B 93 29.41 -40.70 -32.41
CA ARG B 93 30.43 -41.09 -33.38
C ARG B 93 29.82 -41.32 -34.76
N LYS B 94 28.66 -41.99 -34.81
CA LYS B 94 28.01 -42.22 -36.10
C LYS B 94 27.61 -40.92 -36.77
N ILE B 95 27.06 -39.98 -36.00
CA ILE B 95 26.65 -38.70 -36.57
C ILE B 95 27.87 -37.91 -37.04
N TYR B 96 28.97 -37.96 -36.28
CA TYR B 96 30.19 -37.29 -36.72
C TYR B 96 30.68 -37.90 -38.03
N GLU B 97 30.68 -39.22 -38.12
CA GLU B 97 31.16 -39.89 -39.33
C GLU B 97 30.29 -39.53 -40.53
N LEU B 98 28.97 -39.48 -40.34
CA LEU B 98 28.08 -39.23 -41.46
C LEU B 98 28.10 -37.77 -41.87
N ILE B 99 27.76 -36.86 -40.94
CA ILE B 99 27.73 -35.43 -41.26
C ILE B 99 29.12 -34.95 -41.63
N GLY B 100 30.13 -35.37 -40.88
CA GLY B 100 31.49 -34.93 -41.14
C GLY B 100 31.79 -33.58 -40.50
N GLY B 101 32.97 -33.07 -40.83
CA GLY B 101 33.46 -31.82 -40.31
C GLY B 101 34.64 -32.03 -39.37
N GLU B 102 35.07 -30.92 -38.76
CA GLU B 102 36.18 -30.90 -37.83
C GLU B 102 35.69 -30.48 -36.46
N ILE B 103 36.05 -31.25 -35.43
CA ILE B 103 35.65 -30.91 -34.07
C ILE B 103 36.42 -29.68 -33.60
N ASP B 104 35.70 -28.70 -33.08
CA ASP B 104 36.32 -27.47 -32.60
C ASP B 104 35.41 -26.87 -31.53
N ASP B 105 35.84 -26.95 -30.27
CA ASP B 105 35.05 -26.37 -29.19
C ASP B 105 34.95 -24.85 -29.34
N SER B 106 35.95 -24.22 -29.96
CA SER B 106 35.94 -22.77 -30.12
C SER B 106 34.77 -22.30 -30.96
N VAL B 107 34.20 -23.17 -31.80
CA VAL B 107 33.09 -22.77 -32.65
C VAL B 107 31.86 -22.43 -31.83
N LEU B 108 31.82 -22.85 -30.57
CA LEU B 108 30.70 -22.55 -29.69
C LEU B 108 30.93 -21.31 -28.84
N GLU B 109 32.17 -20.90 -28.64
CA GLU B 109 32.47 -19.72 -27.85
C GLU B 109 31.93 -18.48 -28.54
N ILE B 110 32.11 -17.33 -27.90
CA ILE B 110 31.57 -16.06 -28.38
C ILE B 110 32.71 -15.12 -28.72
N ASN B 111 32.69 -14.60 -29.94
CA ASN B 111 33.55 -13.51 -30.38
C ASN B 111 32.69 -12.28 -30.65
N GLU B 112 33.34 -11.21 -31.12
CA GLU B 112 32.61 -9.99 -31.43
C GLU B 112 31.54 -10.24 -32.49
N ASP B 113 31.92 -10.93 -33.56
CA ASP B 113 30.95 -11.26 -34.61
C ASP B 113 29.85 -12.15 -34.07
N LYS B 114 30.20 -13.15 -33.25
CA LYS B 114 29.20 -14.01 -32.66
C LYS B 114 28.26 -13.20 -31.76
N GLU B 115 28.82 -12.28 -30.97
CA GLU B 115 27.98 -11.47 -30.10
C GLU B 115 27.00 -10.63 -30.91
N ARG B 116 27.47 -10.04 -32.02
CA ARG B 116 26.58 -9.20 -32.82
C ARG B 116 25.51 -10.05 -33.49
N LEU B 117 25.88 -11.26 -33.93
CA LEU B 117 24.89 -12.22 -34.43
C LEU B 117 23.82 -12.48 -33.38
N ILE B 118 24.24 -12.77 -32.15
CA ILE B 118 23.30 -13.12 -31.09
C ILE B 118 22.36 -11.95 -30.82
N ARG B 119 22.93 -10.75 -30.69
CA ARG B 119 22.11 -9.58 -30.40
C ARG B 119 21.12 -9.30 -31.51
N GLU B 120 21.55 -9.41 -32.77
CA GLU B 120 20.63 -9.18 -33.88
C GLU B 120 19.52 -10.23 -33.90
N ILE B 121 19.86 -11.49 -33.67
CA ILE B 121 18.88 -12.56 -33.79
C ILE B 121 17.86 -12.47 -32.67
N PHE B 122 18.32 -12.29 -31.43
CA PHE B 122 17.43 -12.30 -30.27
C PHE B 122 16.79 -10.94 -29.98
N LYS B 123 17.12 -9.91 -30.75
CA LYS B 123 16.60 -8.57 -30.50
C LYS B 123 16.90 -8.13 -29.08
N ILE B 124 18.12 -8.42 -28.61
CA ILE B 124 18.57 -8.02 -27.29
C ILE B 124 19.01 -6.57 -27.34
N ARG B 125 18.11 -5.65 -26.98
CA ARG B 125 18.39 -4.21 -27.00
C ARG B 125 18.36 -3.73 -25.55
N GLY B 126 19.51 -3.81 -24.89
CA GLY B 126 19.59 -3.41 -23.51
C GLY B 126 21.02 -3.52 -23.00
N PHE B 127 21.16 -3.36 -21.69
CA PHE B 127 22.46 -3.41 -21.02
C PHE B 127 22.55 -4.69 -20.21
N GLY B 128 23.56 -5.50 -20.48
CA GLY B 128 23.76 -6.74 -19.78
C GLY B 128 24.61 -7.69 -20.59
N ASN B 129 25.22 -8.64 -19.89
CA ASN B 129 26.05 -9.63 -20.55
C ASN B 129 25.22 -10.44 -21.54
N VAL B 130 25.83 -10.79 -22.68
CA VAL B 130 25.09 -11.48 -23.74
C VAL B 130 24.64 -12.85 -23.26
N VAL B 131 25.54 -13.60 -22.63
CA VAL B 131 25.22 -14.97 -22.22
C VAL B 131 24.11 -14.96 -21.17
N GLU B 132 24.24 -14.09 -20.17
CA GLU B 132 23.20 -13.98 -19.15
C GLU B 132 21.89 -13.53 -19.78
N ARG B 133 21.96 -12.64 -20.77
CA ARG B 133 20.74 -12.15 -21.39
C ARG B 133 20.03 -13.26 -22.17
N VAL B 134 20.78 -14.13 -22.84
CA VAL B 134 20.13 -15.22 -23.56
C VAL B 134 19.57 -16.24 -22.57
N LEU B 135 20.30 -16.52 -21.50
CA LEU B 135 19.75 -17.39 -20.44
C LEU B 135 18.43 -16.83 -19.95
N GLU B 136 18.40 -15.53 -19.66
CA GLU B 136 17.18 -14.88 -19.18
C GLU B 136 16.07 -14.93 -20.23
N LYS B 137 16.42 -14.74 -21.50
CA LYS B 137 15.43 -14.79 -22.56
C LYS B 137 14.79 -16.16 -22.65
N ILE B 138 15.60 -17.21 -22.53
CA ILE B 138 15.06 -18.56 -22.58
C ILE B 138 14.21 -18.84 -21.35
N ALA B 139 14.66 -18.41 -20.17
CA ALA B 139 13.88 -18.62 -18.96
C ALA B 139 12.53 -17.93 -19.05
N LEU B 140 12.49 -16.72 -19.58
CA LEU B 140 11.25 -15.97 -19.72
C LEU B 140 10.29 -16.58 -20.74
N ILE B 141 10.64 -17.71 -21.36
CA ILE B 141 9.73 -18.35 -22.29
C ILE B 141 8.43 -18.74 -21.60
N GLU B 142 8.49 -18.99 -20.28
CA GLU B 142 7.30 -19.35 -19.50
C GLU B 142 6.57 -18.05 -19.12
N LEU B 143 5.77 -17.57 -20.06
CA LEU B 143 4.98 -16.36 -19.84
C LEU B 143 4.10 -16.08 -21.05
N LYS B 144 3.27 -15.05 -20.96
CA LYS B 144 2.37 -14.70 -22.05
C LYS B 144 1.36 -15.79 -22.32
N MET C 1 -10.32 14.39 40.90
CA MET C 1 -10.09 15.02 39.60
C MET C 1 -10.59 14.12 38.47
N ILE C 2 -11.57 14.61 37.72
CA ILE C 2 -12.17 13.86 36.62
C ILE C 2 -12.41 14.81 35.45
N CYS C 3 -12.74 14.22 34.30
CA CYS C 3 -12.86 14.94 33.05
C CYS C 3 -14.11 14.50 32.32
N LEU C 4 -14.63 15.39 31.48
CA LEU C 4 -15.75 15.11 30.59
C LEU C 4 -15.29 15.34 29.16
N GLY C 5 -15.44 14.32 28.32
CA GLY C 5 -14.91 14.35 26.97
C GLY C 5 -16.00 14.25 25.92
N LEU C 6 -15.80 14.97 24.81
CA LEU C 6 -16.75 15.00 23.70
C LEU C 6 -16.04 14.53 22.42
N GLU C 7 -16.71 13.65 21.69
CA GLU C 7 -16.25 13.15 20.41
C GLU C 7 -17.26 13.58 19.35
N GLY C 8 -16.81 14.36 18.39
CA GLY C 8 -17.67 14.83 17.31
C GLY C 8 -16.99 14.91 15.97
N THR C 9 -15.86 14.21 15.81
CA THR C 9 -15.14 14.25 14.54
C THR C 9 -15.92 13.65 13.39
N ALA C 10 -16.96 12.88 13.67
CA ALA C 10 -17.65 12.11 12.64
C ALA C 10 -19.13 12.04 13.02
N GLU C 11 -19.85 11.10 12.41
CA GLU C 11 -21.28 10.96 12.63
C GLU C 11 -21.63 10.61 14.07
N LYS C 12 -20.67 10.16 14.87
CA LYS C 12 -20.91 9.74 16.24
C LYS C 12 -20.68 10.91 17.19
N THR C 13 -21.71 11.27 17.96
CA THR C 13 -21.58 12.23 19.05
C THR C 13 -21.45 11.46 20.35
N GLY C 14 -20.27 11.50 20.95
CA GLY C 14 -20.01 10.72 22.15
C GLY C 14 -19.66 11.57 23.35
N VAL C 15 -20.37 11.39 24.46
CA VAL C 15 -20.10 12.09 25.70
C VAL C 15 -19.66 11.08 26.74
N GLY C 16 -18.52 11.33 27.37
CA GLY C 16 -18.02 10.44 28.40
C GLY C 16 -17.51 11.24 29.59
N ILE C 17 -17.45 10.55 30.72
CA ILE C 17 -16.89 11.11 31.96
C ILE C 17 -15.93 10.08 32.52
N VAL C 18 -14.68 10.47 32.71
CA VAL C 18 -13.60 9.55 33.02
C VAL C 18 -12.78 10.11 34.17
N THR C 19 -12.36 9.24 35.08
CA THR C 19 -11.58 9.62 36.25
C THR C 19 -10.09 9.45 35.98
N SER C 20 -9.27 10.02 36.87
CA SER C 20 -7.83 9.91 36.74
C SER C 20 -7.33 8.52 37.12
N ASP C 21 -8.06 7.82 38.00
CA ASP C 21 -7.68 6.46 38.36
C ASP C 21 -7.74 5.51 37.17
N GLY C 22 -8.44 5.90 36.10
CA GLY C 22 -8.60 5.09 34.92
C GLY C 22 -10.02 4.62 34.66
N GLU C 23 -10.86 4.63 35.68
CA GLU C 23 -12.24 4.18 35.52
C GLU C 23 -12.98 5.10 34.56
N VAL C 24 -14.23 4.74 34.29
CA VAL C 24 -15.10 5.52 33.41
C VAL C 24 -16.37 5.82 34.21
N LEU C 25 -16.45 7.03 34.76
CA LEU C 25 -17.63 7.40 35.53
C LEU C 25 -18.91 7.32 34.71
N PHE C 26 -18.81 7.41 33.38
CA PHE C 26 -19.99 7.30 32.54
C PHE C 26 -19.54 7.36 31.08
N ASN C 27 -20.37 6.84 30.19
CA ASN C 27 -20.07 6.89 28.77
C ASN C 27 -21.36 6.69 27.99
N LYS C 28 -21.49 7.36 26.86
CA LYS C 28 -22.64 7.18 26.00
C LYS C 28 -22.34 7.84 24.66
N THR C 29 -23.02 7.37 23.62
CA THR C 29 -22.84 7.92 22.29
C THR C 29 -24.16 7.83 21.53
N ILE C 30 -24.26 8.63 20.48
CA ILE C 30 -25.35 8.56 19.52
C ILE C 30 -24.75 8.57 18.13
N MET C 31 -25.05 7.54 17.34
CA MET C 31 -24.56 7.47 15.98
C MET C 31 -25.54 8.20 15.06
N TYR C 32 -25.08 9.27 14.43
CA TYR C 32 -25.96 10.04 13.56
C TYR C 32 -26.51 9.14 12.48
N LYS C 33 -27.83 9.17 12.31
CA LYS C 33 -28.50 8.35 11.30
C LYS C 33 -28.75 9.19 10.06
N PRO C 34 -27.94 9.08 9.02
CA PRO C 34 -28.20 9.84 7.80
C PRO C 34 -29.59 9.55 7.27
N PRO C 35 -30.29 10.58 6.75
CA PRO C 35 -31.65 10.38 6.23
C PRO C 35 -31.68 9.48 4.99
N ARG C 42 -29.33 17.89 7.00
CA ARG C 42 -28.52 18.06 8.19
C ARG C 42 -27.10 17.52 7.98
N GLU C 43 -26.29 17.58 9.03
CA GLU C 43 -24.92 17.11 8.96
C GLU C 43 -24.53 16.54 10.31
N ALA C 44 -23.35 15.90 10.36
CA ALA C 44 -22.83 15.44 11.64
C ALA C 44 -22.71 16.59 12.62
N ALA C 45 -22.41 17.79 12.12
CA ALA C 45 -22.33 18.95 12.99
C ALA C 45 -23.68 19.28 13.61
N ASP C 46 -24.76 19.22 12.82
CA ASP C 46 -26.09 19.46 13.36
C ASP C 46 -26.44 18.40 14.40
N HIS C 47 -26.11 17.14 14.14
CA HIS C 47 -26.37 16.09 15.11
C HIS C 47 -25.59 16.36 16.40
N HIS C 48 -24.34 16.78 16.28
CA HIS C 48 -23.57 17.11 17.48
C HIS C 48 -24.21 18.24 18.25
N ALA C 49 -24.63 19.30 17.55
CA ALA C 49 -25.24 20.43 18.22
C ALA C 49 -26.52 20.04 18.95
N GLU C 50 -27.35 19.21 18.30
CA GLU C 50 -28.63 18.83 18.89
C GLU C 50 -28.51 17.70 19.91
N THR C 51 -27.39 17.00 19.95
CA THR C 51 -27.22 15.86 20.84
C THR C 51 -26.36 16.16 22.06
N PHE C 52 -25.29 16.95 21.91
CA PHE C 52 -24.45 17.27 23.05
C PHE C 52 -25.24 17.86 24.22
N PRO C 53 -26.24 18.72 24.01
CA PRO C 53 -27.05 19.15 25.17
C PRO C 53 -27.65 17.99 25.94
N LYS C 54 -28.32 17.06 25.25
CA LYS C 54 -28.98 15.95 25.93
C LYS C 54 -27.95 15.05 26.62
N LEU C 55 -26.87 14.71 25.91
CA LEU C 55 -25.86 13.85 26.50
C LEU C 55 -25.22 14.50 27.72
N ILE C 56 -24.96 15.80 27.65
CA ILE C 56 -24.35 16.51 28.76
C ILE C 56 -25.30 16.60 29.94
N LYS C 57 -26.60 16.79 29.67
CA LYS C 57 -27.59 16.75 30.74
C LYS C 57 -27.60 15.39 31.42
N GLU C 58 -27.53 14.32 30.63
CA GLU C 58 -27.46 12.98 31.21
C GLU C 58 -26.19 12.83 32.03
N ALA C 59 -25.09 13.37 31.53
CA ALA C 59 -23.82 13.30 32.26
C ALA C 59 -23.93 13.97 33.62
N PHE C 60 -24.53 15.16 33.68
CA PHE C 60 -24.80 15.78 34.98
C PHE C 60 -25.74 14.93 35.82
N GLU C 61 -26.72 14.28 35.20
CA GLU C 61 -27.62 13.42 35.96
C GLU C 61 -26.85 12.30 36.64
N VAL C 62 -25.88 11.71 35.95
CA VAL C 62 -25.09 10.64 36.55
C VAL C 62 -24.17 11.18 37.64
N VAL C 63 -23.50 12.31 37.37
CA VAL C 63 -22.58 12.91 38.33
C VAL C 63 -22.81 14.41 38.35
N ASP C 64 -22.73 15.01 39.54
CA ASP C 64 -22.99 16.43 39.66
C ASP C 64 -22.04 17.22 38.76
N LYS C 65 -22.59 18.25 38.10
CA LYS C 65 -21.81 19.03 37.15
C LYS C 65 -20.59 19.66 37.81
N ASN C 66 -20.68 20.00 39.09
CA ASN C 66 -19.54 20.58 39.78
C ASN C 66 -18.39 19.59 39.94
N GLU C 67 -18.63 18.30 39.73
CA GLU C 67 -17.60 17.30 39.94
C GLU C 67 -16.57 17.27 38.82
N ILE C 68 -16.98 17.51 37.58
CA ILE C 68 -16.07 17.35 36.45
C ILE C 68 -15.03 18.46 36.48
N ASP C 69 -13.76 18.07 36.62
CA ASP C 69 -12.67 19.02 36.78
C ASP C 69 -12.05 19.46 35.45
N LEU C 70 -12.31 18.75 34.36
CA LEU C 70 -11.76 19.12 33.06
C LEU C 70 -12.78 18.87 31.97
N ILE C 71 -12.64 19.59 30.85
CA ILE C 71 -13.42 19.34 29.65
C ILE C 71 -12.45 19.10 28.50
N ALA C 72 -12.73 18.08 27.70
CA ALA C 72 -11.92 17.72 26.55
C ALA C 72 -12.81 17.53 25.34
N PHE C 73 -12.28 17.88 24.17
CA PHE C 73 -13.04 17.74 22.94
C PHE C 73 -12.14 17.25 21.81
N SER C 74 -12.73 16.50 20.89
CA SER C 74 -12.00 16.01 19.72
C SER C 74 -11.71 17.17 18.79
N GLN C 75 -10.48 17.69 18.86
CA GLN C 75 -10.08 18.76 17.95
C GLN C 75 -10.04 18.26 16.51
N GLY C 76 -9.51 17.05 16.29
CA GLY C 76 -9.39 16.48 14.98
C GLY C 76 -8.52 15.24 14.99
N PRO C 77 -8.26 14.66 13.82
CA PRO C 77 -8.74 15.07 12.49
C PRO C 77 -10.22 14.80 12.33
N GLY C 78 -10.85 15.34 11.30
CA GLY C 78 -12.25 15.08 11.07
C GLY C 78 -12.87 16.17 10.23
N LEU C 79 -14.17 16.04 10.02
CA LEU C 79 -14.91 17.03 9.24
C LEU C 79 -14.75 18.41 9.85
N GLY C 80 -15.04 19.42 9.04
CA GLY C 80 -14.92 20.80 9.47
C GLY C 80 -16.05 21.20 10.40
N PRO C 81 -17.28 21.20 9.88
CA PRO C 81 -18.41 21.64 10.72
C PRO C 81 -18.57 20.84 12.00
N SER C 82 -18.34 19.53 11.96
CA SER C 82 -18.48 18.72 13.15
C SER C 82 -17.47 19.13 14.21
N LEU C 83 -16.22 19.35 13.79
CA LEU C 83 -15.20 19.81 14.71
C LEU C 83 -15.54 21.19 15.25
N ARG C 84 -16.12 22.05 14.40
CA ARG C 84 -16.56 23.37 14.85
C ARG C 84 -17.58 23.23 15.97
N VAL C 85 -18.59 22.38 15.77
CA VAL C 85 -19.66 22.26 16.75
C VAL C 85 -19.13 21.67 18.06
N THR C 86 -18.32 20.62 17.97
CA THR C 86 -17.78 20.05 19.21
C THR C 86 -16.90 21.05 19.93
N ALA C 87 -16.08 21.81 19.19
CA ALA C 87 -15.20 22.78 19.82
C ALA C 87 -15.99 23.89 20.51
N THR C 88 -17.01 24.42 19.85
CA THR C 88 -17.80 25.49 20.46
C THR C 88 -18.58 24.97 21.67
N VAL C 89 -19.12 23.76 21.59
CA VAL C 89 -19.82 23.20 22.74
C VAL C 89 -18.87 23.00 23.91
N ALA C 90 -17.67 22.49 23.63
CA ALA C 90 -16.70 22.32 24.71
C ALA C 90 -16.29 23.65 25.31
N ARG C 91 -16.10 24.68 24.47
CA ARG C 91 -15.75 25.99 24.99
C ARG C 91 -16.86 26.54 25.86
N THR C 92 -18.12 26.39 25.43
CA THR C 92 -19.24 26.86 26.24
C THR C 92 -19.28 26.13 27.57
N LEU C 93 -19.07 24.81 27.55
CA LEU C 93 -19.04 24.06 28.81
C LEU C 93 -17.94 24.55 29.72
N SER C 94 -16.73 24.73 29.18
CA SER C 94 -15.60 25.14 30.00
C SER C 94 -15.82 26.51 30.61
N LEU C 95 -16.36 27.44 29.83
CA LEU C 95 -16.62 28.78 30.34
C LEU C 95 -17.72 28.76 31.39
N THR C 96 -18.81 28.06 31.12
CA THR C 96 -19.92 28.01 32.06
C THR C 96 -19.49 27.39 33.39
N LEU C 97 -18.71 26.32 33.33
CA LEU C 97 -18.17 25.70 34.54
C LEU C 97 -16.90 26.36 35.01
N LYS C 98 -16.33 27.29 34.24
CA LYS C 98 -15.06 27.93 34.59
C LYS C 98 -13.98 26.88 34.84
N LYS C 99 -13.96 25.86 34.00
CA LYS C 99 -13.03 24.75 34.10
C LYS C 99 -12.19 24.64 32.84
N PRO C 100 -10.99 24.05 32.93
CA PRO C 100 -10.11 24.01 31.76
C PRO C 100 -10.71 23.24 30.61
N ILE C 101 -10.33 23.64 29.40
CA ILE C 101 -10.73 22.99 28.16
C ILE C 101 -9.47 22.54 27.43
N ILE C 102 -9.53 21.35 26.83
CA ILE C 102 -8.38 20.78 26.13
C ILE C 102 -8.88 20.14 24.84
N GLY C 103 -8.07 20.24 23.79
CA GLY C 103 -8.34 19.60 22.51
C GLY C 103 -7.47 18.37 22.35
N VAL C 104 -8.06 17.29 21.85
CA VAL C 104 -7.41 16.00 21.77
C VAL C 104 -7.45 15.53 20.32
N ASN C 105 -6.48 14.70 19.94
CA ASN C 105 -6.44 14.12 18.62
C ASN C 105 -7.32 12.87 18.60
N HIS C 106 -8.34 12.87 17.75
CA HIS C 106 -9.37 11.84 17.81
C HIS C 106 -8.81 10.45 17.52
N CYS C 107 -7.93 10.34 16.53
CA CYS C 107 -7.29 9.06 16.26
C CYS C 107 -6.41 8.63 17.43
N ILE C 108 -5.64 9.56 17.99
CA ILE C 108 -4.84 9.24 19.16
C ILE C 108 -5.76 8.86 20.32
N ALA C 109 -6.94 9.45 20.37
CA ALA C 109 -7.92 9.05 21.38
C ALA C 109 -8.33 7.59 21.19
N HIS C 110 -8.58 7.18 19.95
CA HIS C 110 -8.85 5.78 19.67
C HIS C 110 -7.73 4.89 20.19
N ILE C 111 -6.49 5.21 19.81
CA ILE C 111 -5.35 4.41 20.23
C ILE C 111 -5.29 4.33 21.75
N GLU C 112 -5.47 5.46 22.43
CA GLU C 112 -5.25 5.50 23.87
C GLU C 112 -6.37 4.79 24.63
N ILE C 113 -7.63 4.96 24.20
CA ILE C 113 -8.72 4.24 24.85
C ILE C 113 -8.54 2.74 24.65
N GLY C 114 -8.14 2.33 23.44
CA GLY C 114 -7.86 0.92 23.22
C GLY C 114 -6.76 0.41 24.12
N LYS C 115 -5.70 1.19 24.29
CA LYS C 115 -4.61 0.76 25.16
C LYS C 115 -5.07 0.65 26.60
N LEU C 116 -5.90 1.59 27.06
CA LEU C 116 -6.34 1.58 28.44
C LEU C 116 -7.29 0.41 28.71
N THR C 117 -8.24 0.17 27.82
CA THR C 117 -9.29 -0.82 28.05
C THR C 117 -8.86 -2.23 27.67
N THR C 118 -7.67 -2.41 27.11
CA THR C 118 -7.13 -3.73 26.82
C THR C 118 -5.64 -3.70 27.15
N GLU C 119 -4.89 -4.67 26.64
CA GLU C 119 -3.45 -4.69 26.83
C GLU C 119 -2.72 -4.36 25.54
N GLU C 121 -0.50 -1.97 25.69
CA GLU C 121 0.70 -1.25 26.07
C GLU C 121 1.09 -0.24 24.99
N ASP C 122 1.79 -0.71 23.96
CA ASP C 122 2.18 0.10 22.81
C ASP C 122 1.79 -0.66 21.55
N PRO C 123 0.48 -0.78 21.29
CA PRO C 123 0.02 -1.65 20.20
C PRO C 123 0.04 -0.92 18.86
N LEU C 124 0.76 -1.48 17.90
CA LEU C 124 0.67 -1.01 16.52
C LEU C 124 -0.80 -1.05 16.13
N THR C 125 -1.42 0.10 15.91
CA THR C 125 -2.87 0.21 15.88
C THR C 125 -3.35 0.39 14.45
N LEU C 126 -4.05 -0.61 13.93
CA LEU C 126 -4.75 -0.48 12.66
C LEU C 126 -6.09 0.20 12.96
N TYR C 127 -6.14 1.51 12.73
CA TYR C 127 -7.37 2.28 12.94
C TYR C 127 -8.13 2.25 11.63
N VAL C 128 -9.21 1.48 11.58
CA VAL C 128 -10.05 1.36 10.40
C VAL C 128 -11.45 1.80 10.77
N SER C 129 -11.99 2.77 10.02
CA SER C 129 -13.32 3.31 10.31
C SER C 129 -13.99 3.65 9.00
N GLY C 130 -15.18 4.24 9.09
CA GLY C 130 -15.95 4.58 7.90
C GLY C 130 -15.48 5.81 7.16
N GLY C 131 -14.52 6.54 7.71
CA GLY C 131 -13.98 7.70 7.04
C GLY C 131 -12.49 7.89 7.29
N ASN C 132 -11.84 6.88 7.87
CA ASN C 132 -10.45 7.01 8.26
C ASN C 132 -9.86 5.62 8.44
N THR C 133 -8.93 5.24 7.57
CA THR C 133 -8.18 4.00 7.70
C THR C 133 -6.70 4.32 7.64
N GLN C 134 -5.94 3.81 8.61
CA GLN C 134 -4.50 4.01 8.61
C GLN C 134 -3.90 3.20 9.74
N VAL C 135 -2.67 2.77 9.53
CA VAL C 135 -1.89 2.10 10.56
C VAL C 135 -1.10 3.16 11.29
N ILE C 136 -1.11 3.12 12.62
CA ILE C 136 -0.48 4.14 13.44
C ILE C 136 0.44 3.47 14.45
N ALA C 137 1.50 4.17 14.83
CA ALA C 137 2.42 3.64 15.82
C ALA C 137 3.19 4.78 16.47
N TYR C 138 3.46 4.63 17.76
CA TYR C 138 4.21 5.63 18.52
C TYR C 138 5.68 5.27 18.45
N VAL C 139 6.43 6.01 17.62
CA VAL C 139 7.86 5.80 17.46
C VAL C 139 8.58 7.12 17.62
N SER C 140 9.79 7.05 18.16
CA SER C 140 10.67 8.22 18.30
C SER C 140 9.92 9.42 18.86
N LYS C 141 9.10 9.17 19.88
CA LYS C 141 8.44 10.24 20.63
C LYS C 141 7.32 10.90 19.84
N LYS C 142 6.65 10.17 18.96
CA LYS C 142 5.51 10.75 18.24
C LYS C 142 4.73 9.63 17.56
N TYR C 143 3.42 9.82 17.48
CA TYR C 143 2.52 8.84 16.86
C TYR C 143 2.42 9.14 15.37
N ARG C 144 3.03 8.31 14.55
CA ARG C 144 3.07 8.50 13.11
C ARG C 144 2.20 7.49 12.40
N VAL C 145 1.72 7.88 11.22
CA VAL C 145 0.98 6.99 10.32
C VAL C 145 2.02 6.21 9.51
N PHE C 146 2.07 4.90 9.73
CA PHE C 146 2.98 4.00 9.03
C PHE C 146 2.25 3.27 7.91
N GLY C 147 1.30 3.91 7.28
CA GLY C 147 0.49 3.32 6.23
C GLY C 147 -0.90 3.88 6.31
N GLU C 148 -1.52 4.06 5.15
CA GLU C 148 -2.85 4.67 5.09
C GLU C 148 -3.40 4.54 3.69
N THR C 149 -4.72 4.69 3.58
CA THR C 149 -5.36 4.72 2.28
C THR C 149 -4.88 5.92 1.49
N LEU C 150 -5.25 5.94 0.21
CA LEU C 150 -4.90 7.03 -0.69
C LEU C 150 -6.11 7.74 -1.28
N ASP C 151 -7.21 7.03 -1.50
CA ASP C 151 -8.41 7.60 -2.07
C ASP C 151 -9.62 7.47 -1.15
N ILE C 152 -9.87 6.27 -0.62
CA ILE C 152 -11.05 6.00 0.19
C ILE C 152 -10.61 5.17 1.39
N ALA C 153 -11.42 5.22 2.45
CA ALA C 153 -11.16 4.46 3.66
C ALA C 153 -11.85 3.11 3.60
N VAL C 154 -11.24 2.11 4.25
CA VAL C 154 -11.74 0.73 4.15
C VAL C 154 -13.20 0.69 4.57
N GLY C 155 -13.51 1.29 5.72
CA GLY C 155 -14.91 1.38 6.12
C GLY C 155 -15.73 2.17 5.12
N ASN C 156 -15.15 3.25 4.58
CA ASN C 156 -15.84 4.03 3.57
C ASN C 156 -16.08 3.20 2.31
N CYS C 157 -15.09 2.43 1.88
CA CYS C 157 -15.25 1.59 0.69
C CYS C 157 -16.33 0.55 0.90
N LEU C 158 -16.31 -0.11 2.06
CA LEU C 158 -17.33 -1.12 2.36
C LEU C 158 -18.71 -0.48 2.42
N ASP C 159 -18.81 0.71 3.02
CA ASP C 159 -20.09 1.39 3.11
C ASP C 159 -20.61 1.77 1.73
N GLN C 160 -19.73 2.27 0.86
CA GLN C 160 -20.14 2.61 -0.50
C GLN C 160 -20.61 1.37 -1.26
N PHE C 161 -19.85 0.28 -1.14
CA PHE C 161 -20.29 -0.98 -1.73
C PHE C 161 -21.67 -1.36 -1.21
N ALA C 162 -21.90 -1.15 0.09
CA ALA C 162 -23.19 -1.48 0.68
C ALA C 162 -24.31 -0.65 0.08
N ARG C 163 -24.07 0.66 -0.08
CA ARG C 163 -25.12 1.52 -0.65
C ARG C 163 -25.42 1.10 -2.08
N TYR C 164 -24.38 0.79 -2.86
CA TYR C 164 -24.61 0.36 -4.23
C TYR C 164 -25.42 -0.94 -4.27
N VAL C 165 -25.08 -1.89 -3.41
CA VAL C 165 -25.78 -3.17 -3.35
C VAL C 165 -26.99 -3.05 -2.44
N ASN C 166 -27.31 -1.82 -2.02
CA ASN C 166 -28.47 -1.52 -1.19
C ASN C 166 -28.36 -2.11 0.21
N LEU C 167 -27.18 -2.52 0.63
CA LEU C 167 -27.02 -3.03 1.98
C LEU C 167 -27.28 -1.91 2.99
N PRO C 168 -28.07 -2.16 4.03
CA PRO C 168 -28.36 -1.09 5.00
C PRO C 168 -27.11 -0.53 5.64
N HIS C 169 -27.14 0.77 5.90
CA HIS C 169 -26.07 1.47 6.57
C HIS C 169 -26.15 1.22 8.08
N PRO C 170 -25.06 0.78 8.73
CA PRO C 170 -23.73 0.44 8.20
C PRO C 170 -23.67 -0.94 7.54
N GLY C 171 -22.68 -1.15 6.68
CA GLY C 171 -22.56 -2.40 5.97
C GLY C 171 -21.46 -3.31 6.51
N GLY C 172 -20.73 -2.84 7.52
CA GLY C 172 -19.65 -3.61 8.09
C GLY C 172 -20.09 -4.98 8.58
N PRO C 173 -20.92 -5.02 9.64
CA PRO C 173 -21.44 -6.29 10.15
C PRO C 173 -22.30 -7.00 9.09
N TYR C 174 -22.90 -6.27 8.14
CA TYR C 174 -23.72 -6.89 7.10
C TYR C 174 -22.85 -7.56 6.04
N ILE C 175 -21.83 -6.87 5.55
CA ILE C 175 -20.88 -7.48 4.62
C ILE C 175 -20.19 -8.66 5.29
N GLU C 176 -19.91 -8.55 6.59
CA GLU C 176 -19.29 -9.65 7.31
C GLU C 176 -20.17 -10.89 7.27
N GLU C 177 -21.47 -10.72 7.54
CA GLU C 177 -22.37 -11.87 7.58
C GLU C 177 -22.61 -12.44 6.19
N LEU C 178 -22.60 -11.58 5.17
CA LEU C 178 -22.74 -12.09 3.81
C LEU C 178 -21.47 -12.81 3.33
N ALA C 179 -20.30 -12.37 3.81
CA ALA C 179 -19.06 -13.05 3.47
C ALA C 179 -18.87 -14.33 4.28
N ARG C 180 -19.57 -14.46 5.41
CA ARG C 180 -19.46 -15.68 6.19
C ARG C 180 -19.84 -16.92 5.41
N LYS C 181 -20.60 -16.78 4.33
CA LYS C 181 -21.05 -17.89 3.50
C LYS C 181 -20.56 -17.76 2.06
N GLY C 182 -19.28 -17.44 1.89
CA GLY C 182 -18.67 -17.25 0.58
C GLY C 182 -17.56 -18.25 0.34
N LYS C 183 -17.53 -18.80 -0.87
CA LYS C 183 -16.50 -19.76 -1.26
C LYS C 183 -15.73 -19.34 -2.52
N LYS C 184 -16.43 -18.81 -3.53
CA LYS C 184 -15.83 -18.45 -4.80
C LYS C 184 -15.33 -17.02 -4.75
N LEU C 185 -14.08 -16.80 -5.18
CA LEU C 185 -13.44 -15.50 -5.10
C LEU C 185 -13.42 -14.86 -6.47
N VAL C 186 -13.97 -13.66 -6.57
CA VAL C 186 -13.92 -12.87 -7.79
C VAL C 186 -12.54 -12.23 -7.91
N ASP C 187 -12.16 -11.90 -9.14
CA ASP C 187 -10.86 -11.30 -9.40
C ASP C 187 -10.99 -9.78 -9.38
N LEU C 188 -10.31 -9.15 -8.43
CA LEU C 188 -10.28 -7.71 -8.28
C LEU C 188 -8.86 -7.27 -7.97
N PRO C 189 -8.49 -6.04 -8.29
CA PRO C 189 -7.11 -5.61 -8.09
C PRO C 189 -6.74 -5.60 -6.62
N TYR C 190 -5.49 -5.96 -6.36
CA TYR C 190 -4.92 -5.99 -5.01
C TYR C 190 -3.83 -4.93 -4.97
N THR C 191 -4.23 -3.70 -4.69
CA THR C 191 -3.33 -2.55 -4.76
C THR C 191 -2.68 -2.34 -3.39
N VAL C 192 -1.37 -2.58 -3.31
CA VAL C 192 -0.62 -2.31 -2.10
C VAL C 192 0.68 -1.61 -2.47
N LYS C 193 0.68 -0.29 -2.37
CA LYS C 193 1.84 0.52 -2.74
C LYS C 193 2.67 0.75 -1.48
N GLY C 194 3.77 0.02 -1.37
CA GLY C 194 4.61 0.12 -0.19
C GLY C 194 3.84 -0.25 1.06
N MET C 195 3.51 0.75 1.88
CA MET C 195 2.67 0.55 3.05
C MET C 195 1.30 1.19 2.89
N ASP C 196 0.90 1.50 1.65
CA ASP C 196 -0.33 2.21 1.38
C ASP C 196 -1.32 1.30 0.66
N ILE C 197 -2.57 1.75 0.57
CA ILE C 197 -3.60 1.06 -0.20
C ILE C 197 -4.39 2.10 -0.97
N ALA C 198 -5.09 1.64 -2.00
CA ALA C 198 -6.02 2.45 -2.77
C ALA C 198 -7.33 1.67 -2.86
N PHE C 199 -8.19 1.84 -1.85
CA PHE C 199 -9.46 1.14 -1.86
C PHE C 199 -10.40 1.63 -2.96
N SER C 200 -10.09 2.74 -3.61
CA SER C 200 -10.92 3.18 -4.74
C SER C 200 -10.89 2.16 -5.86
N GLY C 201 -9.72 1.60 -6.15
CA GLY C 201 -9.64 0.55 -7.15
C GLY C 201 -10.46 -0.66 -6.79
N LEU C 202 -10.40 -1.07 -5.52
CA LEU C 202 -11.19 -2.21 -5.07
C LEU C 202 -12.67 -1.94 -5.18
N LEU C 203 -13.11 -0.75 -4.76
CA LEU C 203 -14.53 -0.42 -4.81
C LEU C 203 -15.00 -0.40 -6.26
N THR C 204 -14.18 0.17 -7.16
CA THR C 204 -14.54 0.19 -8.57
C THR C 204 -14.63 -1.23 -9.14
N ALA C 205 -13.67 -2.09 -8.80
CA ALA C 205 -13.70 -3.45 -9.31
C ALA C 205 -14.89 -4.22 -8.79
N ALA C 206 -15.24 -4.01 -7.51
CA ALA C 206 -16.43 -4.62 -6.95
C ALA C 206 -17.68 -4.10 -7.65
N MET C 207 -17.70 -2.80 -7.97
CA MET C 207 -18.82 -2.27 -8.75
C MET C 207 -18.95 -2.99 -10.07
N ARG C 208 -17.82 -3.17 -10.78
CA ARG C 208 -17.88 -3.85 -12.07
C ARG C 208 -18.35 -5.29 -11.92
N ALA C 209 -17.80 -6.00 -10.93
CA ALA C 209 -18.16 -7.39 -10.72
C ALA C 209 -19.64 -7.53 -10.40
N TYR C 210 -20.18 -6.65 -9.55
CA TYR C 210 -21.60 -6.66 -9.28
C TYR C 210 -22.40 -6.37 -10.55
N ASP C 211 -21.92 -5.42 -11.35
CA ASP C 211 -22.58 -5.14 -12.63
C ASP C 211 -22.53 -6.32 -13.58
N ALA C 212 -21.67 -7.30 -13.33
CA ALA C 212 -21.54 -8.48 -14.16
C ALA C 212 -22.49 -9.61 -13.74
N GLY C 213 -23.34 -9.38 -12.75
CA GLY C 213 -24.26 -10.39 -12.28
C GLY C 213 -23.65 -11.41 -11.34
N GLU C 214 -22.52 -11.12 -10.73
CA GLU C 214 -21.87 -12.07 -9.84
C GLU C 214 -22.73 -12.32 -8.61
N ARG C 215 -22.58 -13.51 -8.03
CA ARG C 215 -23.29 -13.82 -6.79
C ARG C 215 -22.92 -12.81 -5.72
N LEU C 216 -23.94 -12.24 -5.07
CA LEU C 216 -23.69 -11.19 -4.09
C LEU C 216 -22.80 -11.70 -2.96
N GLU C 217 -23.08 -12.91 -2.47
CA GLU C 217 -22.25 -13.48 -1.42
C GLU C 217 -20.80 -13.64 -1.90
N ASP C 218 -20.61 -14.13 -3.11
CA ASP C 218 -19.25 -14.33 -3.62
C ASP C 218 -18.51 -13.01 -3.73
N ILE C 219 -19.15 -11.99 -4.30
CA ILE C 219 -18.47 -10.71 -4.49
C ILE C 219 -18.17 -10.06 -3.14
N CYS C 220 -19.11 -10.12 -2.20
CA CYS C 220 -18.87 -9.55 -0.88
C CYS C 220 -17.73 -10.28 -0.17
N TYR C 221 -17.71 -11.61 -0.26
CA TYR C 221 -16.62 -12.37 0.34
C TYR C 221 -15.28 -11.98 -0.30
N SER C 222 -15.27 -11.85 -1.62
CA SER C 222 -14.04 -11.47 -2.31
C SER C 222 -13.57 -10.09 -1.88
N LEU C 223 -14.48 -9.13 -1.79
CA LEU C 223 -14.09 -7.77 -1.43
C LEU C 223 -13.55 -7.74 -0.01
N GLN C 224 -14.23 -8.40 0.93
CA GLN C 224 -13.75 -8.41 2.30
C GLN C 224 -12.39 -9.09 2.38
N GLU C 225 -12.22 -10.21 1.67
CA GLU C 225 -10.93 -10.89 1.67
C GLU C 225 -9.83 -9.98 1.14
N TYR C 226 -10.07 -9.37 -0.02
CA TYR C 226 -9.10 -8.44 -0.59
C TYR C 226 -8.71 -7.37 0.42
N ALA C 227 -9.71 -6.61 0.89
CA ALA C 227 -9.44 -5.44 1.72
C ALA C 227 -8.74 -5.83 3.02
N PHE C 228 -9.30 -6.81 3.73
CA PHE C 228 -8.70 -7.22 4.99
C PHE C 228 -7.32 -7.82 4.77
N SER C 229 -7.08 -8.44 3.61
CA SER C 229 -5.76 -8.99 3.32
C SER C 229 -4.74 -7.89 3.13
N MET C 230 -5.10 -6.82 2.42
CA MET C 230 -4.15 -5.71 2.27
C MET C 230 -3.92 -5.01 3.60
N LEU C 231 -4.98 -4.83 4.39
CA LEU C 231 -4.79 -4.24 5.71
C LEU C 231 -3.87 -5.10 6.56
N THR C 232 -4.07 -6.42 6.50
CA THR C 232 -3.21 -7.35 7.23
C THR C 232 -1.78 -7.27 6.76
N GLU C 233 -1.58 -7.14 5.44
CA GLU C 233 -0.22 -7.11 4.91
C GLU C 233 0.50 -5.82 5.29
N ILE C 234 -0.19 -4.67 5.23
CA ILE C 234 0.47 -3.44 5.64
C ILE C 234 0.71 -3.46 7.14
N THR C 235 -0.19 -4.09 7.91
CA THR C 235 0.06 -4.23 9.34
C THR C 235 1.29 -5.09 9.59
N GLU C 236 1.47 -6.14 8.80
CA GLU C 236 2.69 -6.95 8.91
C GLU C 236 3.93 -6.14 8.56
N ARG C 237 3.85 -5.34 7.50
CA ARG C 237 4.98 -4.52 7.10
C ARG C 237 5.31 -3.50 8.19
N ALA C 238 4.29 -2.88 8.78
CA ALA C 238 4.51 -1.91 9.83
C ALA C 238 5.00 -2.57 11.11
N LEU C 239 4.61 -3.82 11.34
CA LEU C 239 5.16 -4.56 12.48
C LEU C 239 6.63 -4.84 12.28
N ALA C 240 7.02 -5.26 11.08
CA ALA C 240 8.43 -5.46 10.78
C ALA C 240 9.20 -4.16 10.88
N HIS C 241 8.62 -3.07 10.39
CA HIS C 241 9.25 -1.76 10.46
C HIS C 241 9.43 -1.31 11.90
N THR C 242 8.41 -1.53 12.73
CA THR C 242 8.38 -1.01 14.10
C THR C 242 8.66 -2.07 15.14
N ASN C 243 8.57 -3.35 14.78
CA ASN C 243 8.74 -4.43 15.76
C ASN C 243 7.76 -4.27 16.93
N LYS C 244 6.55 -3.85 16.60
CA LYS C 244 5.52 -3.65 17.63
C LYS C 244 5.19 -4.98 18.30
N GLY C 245 4.90 -4.92 19.59
CA GLY C 245 4.62 -6.13 20.36
C GLY C 245 3.20 -6.63 20.27
N GLU C 246 2.29 -5.88 19.64
CA GLU C 246 0.91 -6.32 19.53
C GLU C 246 0.13 -5.45 18.56
N VAL C 247 -0.60 -6.08 17.63
CA VAL C 247 -1.51 -5.34 16.78
C VAL C 247 -2.77 -4.99 17.58
N MET C 248 -3.42 -3.91 17.17
CA MET C 248 -4.66 -3.50 17.80
C MET C 248 -5.60 -2.98 16.72
N LEU C 249 -6.67 -3.70 16.45
CA LEU C 249 -7.69 -3.26 15.51
C LEU C 249 -8.64 -2.32 16.24
N VAL C 250 -8.79 -1.09 15.74
CA VAL C 250 -9.68 -0.12 16.35
C VAL C 250 -10.53 0.50 15.24
N GLY C 251 -11.41 1.42 15.64
CA GLY C 251 -12.37 2.00 14.73
C GLY C 251 -13.59 1.11 14.59
N GLY C 252 -14.60 1.65 13.89
CA GLY C 252 -15.86 0.93 13.76
C GLY C 252 -15.70 -0.43 13.11
N VAL C 253 -14.88 -0.51 12.07
CA VAL C 253 -14.72 -1.75 11.32
C VAL C 253 -14.18 -2.88 12.18
N ALA C 254 -13.75 -2.58 13.40
CA ALA C 254 -13.36 -3.64 14.33
C ALA C 254 -14.52 -4.56 14.67
N ALA C 255 -15.75 -4.21 14.28
CA ALA C 255 -16.90 -5.05 14.57
C ALA C 255 -16.90 -6.35 13.76
N ASN C 256 -16.02 -6.48 12.77
CA ASN C 256 -16.04 -7.63 11.87
C ASN C 256 -15.19 -8.76 12.44
N ASN C 257 -15.81 -9.92 12.64
CA ASN C 257 -15.05 -11.10 13.09
C ASN C 257 -14.21 -11.68 11.96
N ARG C 258 -14.60 -11.47 10.71
CA ARG C 258 -13.75 -11.91 9.60
C ARG C 258 -12.42 -11.20 9.63
N LEU C 259 -12.44 -9.87 9.69
CA LEU C 259 -11.20 -9.10 9.79
C LEU C 259 -10.44 -9.47 11.06
N ARG C 260 -11.17 -9.65 12.16
CA ARG C 260 -10.53 -9.99 13.42
C ARG C 260 -9.77 -11.31 13.30
N GLU C 261 -10.37 -12.31 12.65
CA GLU C 261 -9.70 -13.59 12.54
C GLU C 261 -8.54 -13.54 11.54
N MET C 262 -8.64 -12.76 10.47
CA MET C 262 -7.47 -12.62 9.60
C MET C 262 -6.32 -11.97 10.35
N LEU C 263 -6.61 -10.92 11.12
CA LEU C 263 -5.56 -10.26 11.90
C LEU C 263 -4.99 -11.21 12.95
N LYS C 264 -5.85 -12.00 13.60
CA LYS C 264 -5.37 -12.95 14.60
C LYS C 264 -4.47 -14.01 13.98
N ALA C 265 -4.87 -14.53 12.81
CA ALA C 265 -4.03 -15.50 12.12
C ALA C 265 -2.68 -14.90 11.77
N MET C 266 -2.69 -13.67 11.23
CA MET C 266 -1.44 -13.00 10.92
C MET C 266 -0.57 -12.90 12.17
N CYS C 267 -1.14 -12.37 13.26
CA CYS C 267 -0.34 -12.10 14.44
C CYS C 267 0.20 -13.39 15.06
N GLU C 268 -0.60 -14.46 15.05
CA GLU C 268 -0.10 -15.75 15.50
C GLU C 268 1.04 -16.23 14.61
N GLY C 269 0.92 -16.02 13.30
CA GLY C 269 2.02 -16.36 12.41
C GLY C 269 3.28 -15.57 12.71
N GLN C 270 3.12 -14.34 13.18
CA GLN C 270 4.26 -13.48 13.52
C GLN C 270 4.60 -13.52 15.00
N ASN C 271 4.02 -14.45 15.75
CA ASN C 271 4.31 -14.59 17.19
C ASN C 271 4.03 -13.29 17.93
N VAL C 272 2.92 -12.64 17.58
CA VAL C 272 2.50 -11.40 18.22
C VAL C 272 1.02 -11.52 18.55
N ASP C 273 0.54 -10.64 19.43
CA ASP C 273 -0.82 -10.69 19.93
C ASP C 273 -1.68 -9.60 19.30
N PHE C 274 -2.96 -9.92 19.10
CA PHE C 274 -3.91 -9.04 18.44
C PHE C 274 -5.06 -8.76 19.39
N TYR C 275 -5.40 -7.48 19.55
CA TYR C 275 -6.36 -7.02 20.55
C TYR C 275 -7.48 -6.22 19.90
N VAL C 276 -8.66 -6.29 20.51
CA VAL C 276 -9.78 -5.41 20.15
C VAL C 276 -10.54 -5.10 21.43
N PRO C 277 -10.75 -3.83 21.78
CA PRO C 277 -11.45 -3.51 23.03
C PRO C 277 -12.95 -3.67 22.88
N PRO C 278 -13.72 -3.39 23.93
CA PRO C 278 -15.17 -3.56 23.87
C PRO C 278 -15.83 -2.87 22.69
N LYS C 279 -17.07 -3.27 22.38
CA LYS C 279 -17.75 -2.73 21.21
C LYS C 279 -18.00 -1.24 21.35
N GLU C 280 -18.44 -0.79 22.53
CA GLU C 280 -18.74 0.62 22.72
C GLU C 280 -17.49 1.48 22.56
N PHE C 281 -16.35 1.00 23.08
CA PHE C 281 -15.10 1.74 23.00
C PHE C 281 -14.48 1.70 21.62
N CYS C 282 -14.72 0.66 20.83
CA CYS C 282 -14.15 0.59 19.49
C CYS C 282 -14.65 1.73 18.62
N GLY C 283 -15.97 1.93 18.59
CA GLY C 283 -16.55 3.01 17.81
C GLY C 283 -16.14 4.36 18.34
N ASP C 284 -16.72 5.42 17.78
CA ASP C 284 -16.43 6.78 18.22
C ASP C 284 -17.19 7.07 19.51
N ASN C 285 -16.47 7.09 20.63
CA ASN C 285 -17.05 7.28 21.94
C ASN C 285 -16.55 8.58 22.56
N GLY C 286 -17.33 9.13 23.47
CA GLY C 286 -16.86 10.27 24.25
C GLY C 286 -15.86 9.87 25.31
N ALA C 287 -15.90 8.60 25.73
CA ALA C 287 -14.99 8.15 26.79
C ALA C 287 -13.54 8.26 26.33
N MET C 288 -13.25 7.95 25.07
CA MET C 288 -11.88 8.05 24.60
C MET C 288 -11.41 9.49 24.64
N ILE C 289 -12.26 10.43 24.22
CA ILE C 289 -11.89 11.85 24.25
C ILE C 289 -11.62 12.29 25.68
N ALA C 290 -12.51 11.92 26.60
CA ALA C 290 -12.31 12.30 27.99
C ALA C 290 -11.01 11.71 28.52
N TRP C 291 -10.75 10.43 28.22
CA TRP C 291 -9.55 9.78 28.72
C TRP C 291 -8.30 10.44 28.18
N LEU C 292 -8.29 10.77 26.89
CA LEU C 292 -7.09 11.38 26.31
C LEU C 292 -6.87 12.80 26.83
N GLY C 293 -7.95 13.58 26.91
CA GLY C 293 -7.82 14.92 27.46
C GLY C 293 -7.30 14.91 28.88
N LEU C 294 -7.81 13.99 29.70
CA LEU C 294 -7.33 13.90 31.08
C LEU C 294 -5.92 13.33 31.13
N LEU C 295 -5.54 12.50 30.14
CA LEU C 295 -4.17 12.01 30.07
C LEU C 295 -3.20 13.15 29.85
N MET C 296 -3.50 14.05 28.92
CA MET C 296 -2.63 15.21 28.72
C MET C 296 -2.69 16.17 29.90
N HIS C 297 -3.87 16.34 30.48
CA HIS C 297 -4.00 17.24 31.62
C HIS C 297 -3.19 16.75 32.82
N LYS C 298 -3.09 15.44 32.99
CA LYS C 298 -2.37 14.89 34.14
C LYS C 298 -0.89 15.27 34.11
N ASN C 299 -0.34 15.55 32.93
CA ASN C 299 1.08 15.83 32.77
C ASN C 299 1.33 17.27 32.34
N GLY C 300 0.34 18.15 32.46
CA GLY C 300 0.54 19.56 32.21
C GLY C 300 0.37 19.98 30.77
N ARG C 301 -0.78 19.70 30.18
CA ARG C 301 -1.14 20.19 28.85
C ARG C 301 -2.18 21.29 29.07
N TRP C 302 -1.69 22.51 29.27
CA TRP C 302 -2.55 23.66 29.56
C TRP C 302 -2.91 24.33 28.24
N MET C 303 -4.20 24.32 27.91
CA MET C 303 -4.70 24.91 26.68
C MET C 303 -5.57 26.10 27.01
N SER C 304 -5.51 27.13 26.17
CA SER C 304 -6.26 28.35 26.37
C SER C 304 -7.39 28.44 25.36
N LEU C 305 -8.25 29.45 25.52
CA LEU C 305 -9.35 29.63 24.58
C LEU C 305 -8.84 29.88 23.17
N ASP C 306 -7.81 30.73 23.05
CA ASP C 306 -7.27 31.06 21.73
C ASP C 306 -6.63 29.86 21.04
N GLU C 307 -6.26 28.84 21.80
CA GLU C 307 -5.56 27.67 21.25
C GLU C 307 -6.50 26.54 20.87
N THR C 308 -7.82 26.73 21.00
CA THR C 308 -8.79 25.66 20.77
C THR C 308 -9.52 25.82 19.43
N LYS C 309 -8.80 26.19 18.37
CA LYS C 309 -9.39 26.16 17.04
C LYS C 309 -9.39 24.74 16.49
N ILE C 310 -10.24 24.51 15.49
CA ILE C 310 -10.36 23.18 14.90
C ILE C 310 -9.20 22.94 13.94
N ILE C 311 -8.83 21.68 13.78
CA ILE C 311 -7.75 21.28 12.88
C ILE C 311 -8.29 20.16 11.99
N PRO C 312 -9.03 20.48 10.92
CA PRO C 312 -9.73 19.42 10.17
C PRO C 312 -8.80 18.34 9.65
N ASN C 313 -7.55 18.67 9.36
CA ASN C 313 -6.56 17.71 8.89
C ASN C 313 -5.54 17.37 9.98
N TYR C 314 -5.95 17.49 11.24
CA TYR C 314 -5.06 17.20 12.36
C TYR C 314 -4.35 15.88 12.13
N ARG C 315 -3.03 15.94 12.00
CA ARG C 315 -2.23 14.75 11.80
C ARG C 315 -1.75 14.22 13.14
N THR C 316 -1.68 12.89 13.25
CA THR C 316 -1.11 12.30 14.45
C THR C 316 0.31 12.79 14.71
N ASP C 317 1.02 13.21 13.67
CA ASP C 317 2.34 13.80 13.84
C ASP C 317 2.28 15.25 14.33
N MET C 318 1.11 15.88 14.30
CA MET C 318 0.95 17.24 14.81
C MET C 318 0.73 17.27 16.31
N VAL C 319 0.69 16.12 16.98
CA VAL C 319 0.38 16.06 18.39
C VAL C 319 1.68 15.97 19.19
N GLU C 320 1.62 16.41 20.43
CA GLU C 320 2.69 16.24 21.40
C GLU C 320 2.20 15.31 22.49
N VAL C 321 3.02 14.32 22.84
CA VAL C 321 2.63 13.27 23.77
C VAL C 321 3.60 13.28 24.95
N ASN C 322 3.04 13.32 26.16
CA ASN C 322 3.82 13.23 27.39
C ASN C 322 3.29 12.11 28.27
N TRP C 323 2.03 11.73 28.09
CA TRP C 323 1.38 10.72 28.91
C TRP C 323 2.08 9.38 28.87
N ILE C 324 2.86 9.11 27.81
CA ILE C 324 3.55 7.83 27.69
C ILE C 324 4.65 7.74 28.74
N GLU D 13 -33.39 40.67 18.31
CA GLU D 13 -33.58 40.99 19.72
C GLU D 13 -33.37 39.76 20.58
N PHE D 14 -33.11 40.00 21.86
CA PHE D 14 -32.88 38.96 22.85
C PHE D 14 -33.76 39.22 24.06
N PRO D 15 -34.07 38.19 24.84
CA PRO D 15 -34.83 38.43 26.09
C PRO D 15 -34.12 39.39 27.04
N SER D 16 -32.79 39.34 27.09
CA SER D 16 -32.01 40.24 27.93
C SER D 16 -30.68 40.49 27.24
N GLU D 17 -29.79 41.20 27.95
CA GLU D 17 -28.50 41.56 27.38
C GLU D 17 -27.39 40.59 27.78
N ASP D 18 -27.45 40.02 28.99
CA ASP D 18 -26.41 39.11 29.44
C ASP D 18 -26.35 37.85 28.58
N VAL D 19 -27.51 37.30 28.23
CA VAL D 19 -27.54 36.09 27.40
C VAL D 19 -26.95 36.39 26.03
N ALA D 20 -27.29 37.54 25.45
CA ALA D 20 -26.71 37.94 24.17
C ALA D 20 -25.20 38.08 24.28
N LYS D 21 -24.73 38.67 25.39
CA LYS D 21 -23.29 38.85 25.58
C LYS D 21 -22.58 37.51 25.65
N VAL D 22 -23.15 36.54 26.38
CA VAL D 22 -22.52 35.22 26.47
C VAL D 22 -22.52 34.53 25.11
N VAL D 23 -23.64 34.60 24.39
CA VAL D 23 -23.71 33.97 23.08
C VAL D 23 -22.68 34.57 22.14
N TYR D 24 -22.54 35.90 22.16
CA TYR D 24 -21.53 36.56 21.33
C TYR D 24 -20.12 36.10 21.72
N GLU D 25 -19.81 36.15 23.02
CA GLU D 25 -18.48 35.75 23.46
C GLU D 25 -18.18 34.29 23.12
N ALA D 26 -19.21 33.46 22.93
CA ALA D 26 -19.01 32.07 22.58
C ALA D 26 -18.90 31.83 21.08
N VAL D 27 -19.62 32.61 20.25
CA VAL D 27 -19.69 32.33 18.82
C VAL D 27 -18.68 33.15 18.04
N LEU D 28 -18.46 34.41 18.44
CA LEU D 28 -17.55 35.27 17.70
C LEU D 28 -16.16 34.65 17.60
N TYR D 29 -15.79 33.82 18.57
CA TYR D 29 -14.52 33.10 18.47
C TYR D 29 -14.52 32.17 17.26
N GLU D 30 -15.61 31.44 17.06
CA GLU D 30 -15.70 30.59 15.88
C GLU D 30 -15.74 31.42 14.61
N HIS D 31 -16.36 32.60 14.69
CA HIS D 31 -16.43 33.47 13.51
C HIS D 31 -15.04 33.87 13.04
N LEU D 32 -14.13 34.18 13.97
CA LEU D 32 -12.82 34.69 13.63
C LEU D 32 -11.84 33.60 13.21
N SER D 33 -12.27 32.34 13.17
CA SER D 33 -11.44 31.23 12.72
C SER D 33 -11.59 30.97 11.22
N VAL D 34 -12.42 31.76 10.54
CA VAL D 34 -12.61 31.63 9.09
C VAL D 34 -12.32 32.99 8.47
N PRO D 35 -11.16 33.18 7.82
CA PRO D 35 -10.82 34.51 7.30
C PRO D 35 -11.62 34.91 6.07
N TYR D 36 -11.80 33.98 5.14
CA TYR D 36 -12.43 34.27 3.84
C TYR D 36 -13.95 34.17 4.01
N ARG D 37 -14.62 35.32 3.98
CA ARG D 37 -16.07 35.38 4.05
C ARG D 37 -16.65 35.66 2.67
N ARG D 38 -17.84 35.10 2.42
CA ARG D 38 -18.48 35.25 1.12
C ARG D 38 -18.88 36.70 0.88
N SER D 39 -19.38 37.37 1.91
CA SER D 39 -19.82 38.76 1.78
C SER D 39 -19.78 39.41 3.16
N GLU D 40 -19.85 40.75 3.16
CA GLU D 40 -19.84 41.49 4.41
C GLU D 40 -21.00 41.06 5.29
N ILE D 41 -20.71 40.81 6.56
CA ILE D 41 -21.70 40.37 7.53
C ILE D 41 -21.52 41.16 8.82
N ASP D 42 -22.61 41.66 9.36
CA ASP D 42 -22.60 42.42 10.61
C ASP D 42 -22.83 41.45 11.76
N PHE D 43 -21.86 41.39 12.68
CA PHE D 43 -21.95 40.50 13.83
C PHE D 43 -21.39 41.25 15.03
N LYS D 44 -22.26 41.93 15.78
CA LYS D 44 -21.82 42.72 16.91
C LYS D 44 -22.95 42.90 17.93
N LEU D 45 -22.77 43.81 18.88
CA LEU D 45 -23.77 44.06 19.91
C LEU D 45 -24.31 45.48 19.81
N SER D 60 -27.15 33.46 -3.03
CA SER D 60 -27.61 32.22 -2.38
C SER D 60 -26.62 31.77 -1.32
N ALA D 61 -25.34 32.02 -1.55
CA ALA D 61 -24.32 31.65 -0.57
C ALA D 61 -24.55 32.37 0.75
N LEU D 62 -25.00 33.63 0.67
CA LEU D 62 -25.24 34.39 1.90
C LEU D 62 -26.32 33.72 2.76
N ARG D 63 -27.37 33.21 2.15
CA ARG D 63 -28.43 32.55 2.91
C ARG D 63 -27.88 31.37 3.71
N GLY D 64 -27.15 30.49 3.03
CA GLY D 64 -26.60 29.33 3.71
C GLY D 64 -25.58 29.71 4.77
N THR D 65 -24.74 30.71 4.48
CA THR D 65 -23.74 31.12 5.46
C THR D 65 -24.41 31.69 6.72
N VAL D 66 -25.41 32.55 6.53
CA VAL D 66 -26.15 33.10 7.65
C VAL D 66 -26.86 32.00 8.42
N ASN D 67 -27.38 31.00 7.72
CA ASN D 67 -27.96 29.85 8.40
C ASN D 67 -26.91 29.14 9.24
N SER D 68 -25.67 29.09 8.75
CA SER D 68 -24.59 28.46 9.53
C SER D 68 -24.33 29.23 10.81
N TYR D 69 -24.24 30.57 10.73
CA TYR D 69 -24.05 31.32 11.97
C TYR D 69 -25.27 31.19 12.89
N LEU D 70 -26.47 31.11 12.33
CA LEU D 70 -27.65 30.88 13.16
C LEU D 70 -27.57 29.54 13.88
N ARG D 71 -27.10 28.50 13.20
CA ARG D 71 -26.90 27.21 13.83
C ARG D 71 -25.86 27.31 14.94
N TRP D 72 -24.78 28.04 14.70
CA TRP D 72 -23.77 28.22 15.74
C TRP D 72 -24.35 28.90 16.96
N ILE D 73 -25.11 29.98 16.76
CA ILE D 73 -25.70 30.71 17.88
C ILE D 73 -26.68 29.82 18.63
N LYS D 74 -27.52 29.10 17.90
CA LYS D 74 -28.43 28.16 18.54
C LYS D 74 -27.67 27.17 19.40
N ALA D 75 -26.85 26.32 18.78
CA ALA D 75 -26.05 25.37 19.54
C ALA D 75 -25.47 26.01 20.79
N ALA D 76 -24.88 27.21 20.65
CA ALA D 76 -24.25 27.86 21.78
C ALA D 76 -25.25 28.11 22.91
N ILE D 77 -26.44 28.64 22.57
CA ILE D 77 -27.38 28.97 23.63
C ILE D 77 -27.96 27.70 24.25
N ASP D 78 -28.25 26.68 23.45
CA ASP D 78 -28.82 25.46 24.02
C ASP D 78 -27.79 24.61 24.75
N VAL D 79 -26.49 24.92 24.63
CA VAL D 79 -25.52 24.26 25.50
C VAL D 79 -25.80 24.62 26.96
N ILE D 80 -26.44 25.76 27.20
CA ILE D 80 -26.70 26.21 28.56
C ILE D 80 -28.02 25.64 29.04
#